data_9M5M
#
_entry.id   9M5M
#
_cell.length_a   140.447
_cell.length_b   140.447
_cell.length_c   272.559
_cell.angle_alpha   90.00
_cell.angle_beta   90.00
_cell.angle_gamma   120.00
#
_symmetry.space_group_name_H-M   'P 61 2 2'
#
loop_
_entity.id
_entity.type
_entity.pdbx_description
1 polymer 'aspartate--tRNA ligase'
2 non-polymer 'SULFATE ION'
3 non-polymer 1,2-ETHANEDIOL
4 water water
#
_entity_poly.entity_id   1
_entity_poly.type   'polypeptide(L)'
_entity_poly.pdbx_seq_one_letter_code
;AERENLKNEATKVLEHVCEDINKESYGFVKISKMKENEKEIRLFNLEEIYHSLMKVGGSGATDGGKREDDAASHSVVAES
NGAHLLQSDIWVRGRIHDIRSKGSLAFIILRHKLYSMQCILDIKHNDNDKNMMKWVSNLPLESIVDIKGKLSKPEVPIDS
TNIKYEAHIRKIFCISKTAKELPFLLKDANMKETNEEGSIKVNQDNRLNNRCVDLRTYANYSIFCLQSQICTIFKNFLLE
NNFIEIHTPKLLGESSEGGANAFQINYFNQKGFLAQSPQLYKQMCINSGFDRVFEVAPVFRAENSNTYRHLCEYVSLDVE
MTYKYDYLENVHFYDSMFKHIFTELSKGGKNEMLIKTVKGQYPCEDFQWLEETPIFTYEEAIKMLIQHGKLHLKEEEILA
YDMSTDMEKELGKIVKASHHTDYYIIINFPSALRPFYTMYKEDEPAISNSYDFFMRGEEILSGSQRISDVNLLLENIKRF
NLDANKLNFYIDSFAYSSYPHSGCGIGLERVLMLFLGLNNIRKTSLFPRDPKRLIP
;
_entity_poly.pdbx_strand_id   A,B
#
loop_
_chem_comp.id
_chem_comp.type
_chem_comp.name
_chem_comp.formula
EDO non-polymer 1,2-ETHANEDIOL 'C2 H6 O2'
SO4 non-polymer 'SULFATE ION' 'O4 S -2'
#
# COMPACT_ATOMS: atom_id res chain seq x y z
N ARG A 3 -7.59 -52.94 -37.91
CA ARG A 3 -8.52 -51.87 -37.57
C ARG A 3 -7.94 -50.94 -36.52
N GLU A 4 -7.75 -49.68 -36.93
CA GLU A 4 -7.21 -48.64 -36.07
C GLU A 4 -8.06 -47.38 -36.11
N ASN A 5 -9.04 -47.30 -37.02
CA ASN A 5 -9.93 -46.16 -37.06
C ASN A 5 -10.76 -46.05 -35.79
N LEU A 6 -10.93 -47.16 -35.06
CA LEU A 6 -11.60 -47.09 -33.75
C LEU A 6 -10.82 -46.20 -32.78
N LYS A 7 -9.48 -46.35 -32.76
CA LYS A 7 -8.65 -45.51 -31.88
C LYS A 7 -8.68 -44.06 -32.31
N ASN A 8 -8.75 -43.79 -33.61
CA ASN A 8 -8.80 -42.41 -34.07
C ASN A 8 -10.16 -41.77 -33.79
N GLU A 9 -11.18 -42.59 -33.77
CA GLU A 9 -12.48 -42.10 -33.46
C GLU A 9 -12.50 -41.77 -31.97
N ALA A 10 -11.92 -42.63 -31.14
CA ALA A 10 -11.78 -42.38 -29.71
C ALA A 10 -11.00 -41.09 -29.44
N THR A 11 -9.92 -40.87 -30.19
CA THR A 11 -9.17 -39.62 -30.06
C THR A 11 -10.04 -38.42 -30.41
N LYS A 12 -10.84 -38.53 -31.48
CA LYS A 12 -11.80 -37.48 -31.77
C LYS A 12 -12.69 -37.20 -30.56
N VAL A 13 -13.11 -38.26 -29.85
CA VAL A 13 -14.00 -38.06 -28.71
C VAL A 13 -13.27 -37.37 -27.56
N LEU A 14 -12.05 -37.79 -27.24
CA LEU A 14 -11.31 -37.15 -26.15
C LEU A 14 -11.06 -35.68 -26.41
N GLU A 15 -10.88 -35.29 -27.67
CA GLU A 15 -10.53 -33.92 -28.01
C GLU A 15 -11.74 -33.10 -28.45
N HIS A 16 -12.95 -33.61 -28.24
CA HIS A 16 -14.12 -33.03 -28.86
C HIS A 16 -14.32 -31.56 -28.50
N VAL A 17 -14.42 -30.72 -29.53
CA VAL A 17 -14.73 -29.31 -29.39
C VAL A 17 -16.23 -29.13 -29.63
N CYS A 18 -16.90 -28.50 -28.67
CA CYS A 18 -18.33 -28.24 -28.78
C CYS A 18 -18.56 -26.97 -29.61
N GLU A 19 -19.41 -27.07 -30.62
CA GLU A 19 -19.72 -25.93 -31.47
C GLU A 19 -21.04 -25.26 -31.13
N ASP A 20 -21.92 -25.93 -30.38
CA ASP A 20 -23.21 -25.35 -29.99
C ASP A 20 -23.58 -25.95 -28.64
N ILE A 21 -23.49 -25.15 -27.57
CA ILE A 21 -23.81 -25.66 -26.24
C ILE A 21 -25.30 -25.85 -26.04
N ASN A 22 -26.12 -25.44 -27.01
CA ASN A 22 -27.55 -25.75 -26.95
C ASN A 22 -27.85 -27.16 -27.47
N LYS A 23 -27.03 -27.67 -28.39
CA LYS A 23 -27.23 -29.00 -28.95
C LYS A 23 -26.36 -30.07 -28.31
N GLU A 24 -25.38 -29.70 -27.49
CA GLU A 24 -24.40 -30.62 -26.96
C GLU A 24 -24.40 -30.57 -25.43
N SER A 25 -23.82 -31.61 -24.82
CA SER A 25 -23.68 -31.64 -23.37
C SER A 25 -22.25 -31.64 -22.86
N TYR A 26 -21.24 -31.73 -23.71
CA TYR A 26 -19.86 -31.72 -23.24
C TYR A 26 -18.94 -31.26 -24.34
N GLY A 27 -17.75 -30.84 -23.96
CA GLY A 27 -16.71 -30.48 -24.92
C GLY A 27 -15.89 -29.28 -24.47
N PHE A 28 -14.74 -29.11 -25.11
CA PHE A 28 -13.97 -27.88 -24.95
C PHE A 28 -14.68 -26.78 -25.71
N VAL A 29 -14.81 -25.62 -25.07
CA VAL A 29 -15.56 -24.51 -25.64
C VAL A 29 -14.73 -23.24 -25.53
N LYS A 30 -14.86 -22.39 -26.54
CA LYS A 30 -14.41 -21.02 -26.42
C LYS A 30 -15.41 -20.24 -25.59
N ILE A 31 -14.90 -19.26 -24.84
CA ILE A 31 -15.77 -18.39 -24.04
C ILE A 31 -16.82 -17.71 -24.92
N SER A 32 -16.47 -17.39 -26.15
CA SER A 32 -17.41 -16.72 -27.03
C SER A 32 -18.61 -17.55 -27.39
N LYS A 33 -18.47 -18.86 -27.33
CA LYS A 33 -19.57 -19.73 -27.67
C LYS A 33 -20.48 -20.04 -26.51
N MET A 34 -20.21 -19.54 -25.32
CA MET A 34 -21.07 -19.86 -24.20
C MET A 34 -22.30 -18.97 -24.12
N LYS A 35 -23.21 -19.16 -25.05
CA LYS A 35 -24.44 -18.41 -25.14
C LYS A 35 -25.55 -19.42 -25.16
N GLU A 36 -26.31 -19.50 -24.06
CA GLU A 36 -27.42 -20.42 -23.93
C GLU A 36 -28.71 -19.72 -24.33
N ASN A 37 -29.31 -20.21 -25.41
CA ASN A 37 -30.53 -19.67 -26.01
C ASN A 37 -30.40 -18.21 -26.42
N GLU A 38 -29.21 -17.85 -26.92
CA GLU A 38 -28.83 -16.52 -27.42
C GLU A 38 -28.85 -15.40 -26.37
N LYS A 39 -28.70 -15.78 -25.12
CA LYS A 39 -28.75 -14.86 -24.03
C LYS A 39 -27.72 -15.26 -23.01
N GLU A 40 -27.44 -14.37 -22.09
CA GLU A 40 -26.46 -14.66 -21.08
C GLU A 40 -26.85 -15.74 -20.09
N ILE A 41 -25.84 -16.47 -19.67
CA ILE A 41 -25.90 -17.50 -18.63
C ILE A 41 -25.71 -16.84 -17.28
N ARG A 42 -26.54 -17.20 -16.31
CA ARG A 42 -26.34 -16.76 -14.93
C ARG A 42 -25.35 -17.69 -14.24
N LEU A 43 -24.08 -17.27 -14.17
CA LEU A 43 -22.98 -18.12 -13.73
C LEU A 43 -22.66 -17.85 -12.26
N PHE A 44 -22.68 -18.91 -11.44
CA PHE A 44 -22.30 -18.85 -10.03
C PHE A 44 -20.85 -19.29 -9.82
N ASN A 45 -20.25 -18.80 -8.74
CA ASN A 45 -19.00 -19.35 -8.24
C ASN A 45 -19.27 -20.05 -6.91
N LEU A 46 -18.31 -20.86 -6.47
CA LEU A 46 -18.53 -21.69 -5.30
C LEU A 46 -18.63 -20.88 -4.00
N GLU A 47 -18.04 -19.68 -3.96
CA GLU A 47 -18.15 -18.84 -2.76
C GLU A 47 -19.58 -18.35 -2.56
N GLU A 48 -20.23 -17.92 -3.63
CA GLU A 48 -21.64 -17.52 -3.55
C GLU A 48 -22.50 -18.70 -3.11
N ILE A 49 -22.26 -19.88 -3.69
CA ILE A 49 -23.05 -21.05 -3.31
C ILE A 49 -22.86 -21.35 -1.83
N TYR A 50 -21.60 -21.36 -1.37
CA TYR A 50 -21.35 -21.62 0.04
C TYR A 50 -22.11 -20.63 0.92
N HIS A 51 -22.06 -19.34 0.59
CA HIS A 51 -22.68 -18.38 1.50
C HIS A 51 -24.19 -18.40 1.43
N SER A 52 -24.75 -18.65 0.25
CA SER A 52 -26.20 -18.79 0.15
C SER A 52 -26.70 -20.02 0.92
N LEU A 53 -25.93 -21.11 0.89
CA LEU A 53 -26.47 -22.38 1.40
C LEU A 53 -25.96 -22.77 2.79
N MET A 54 -24.80 -22.31 3.22
CA MET A 54 -24.23 -22.87 4.45
C MET A 54 -24.27 -21.90 5.62
N HIS A 84 -33.41 -20.27 -4.49
CA HIS A 84 -33.15 -19.92 -5.89
C HIS A 84 -32.10 -20.83 -6.52
N LEU A 85 -31.11 -21.23 -5.71
CA LEU A 85 -30.11 -22.19 -6.16
C LEU A 85 -30.64 -23.62 -6.18
N LEU A 86 -31.75 -23.89 -5.51
CA LEU A 86 -32.27 -25.24 -5.35
C LEU A 86 -33.48 -25.53 -6.24
N GLN A 87 -33.99 -24.52 -6.96
CA GLN A 87 -35.24 -24.72 -7.70
C GLN A 87 -34.98 -25.44 -9.02
N SER A 88 -34.03 -24.98 -9.82
CA SER A 88 -33.82 -25.54 -11.15
C SER A 88 -32.32 -25.75 -11.37
N ASP A 89 -31.98 -26.11 -12.60
CA ASP A 89 -30.57 -26.25 -12.98
C ASP A 89 -29.87 -24.90 -12.91
N ILE A 90 -28.63 -24.92 -12.42
CA ILE A 90 -27.80 -23.72 -12.35
C ILE A 90 -26.48 -23.99 -13.07
N TRP A 91 -25.77 -22.90 -13.37
CA TRP A 91 -24.44 -22.94 -13.96
C TRP A 91 -23.42 -22.54 -12.91
N VAL A 92 -22.33 -23.31 -12.83
CA VAL A 92 -21.26 -23.04 -11.87
C VAL A 92 -19.92 -23.27 -12.56
N ARG A 93 -18.95 -22.41 -12.28
CA ARG A 93 -17.60 -22.52 -12.79
C ARG A 93 -16.67 -22.97 -11.67
N GLY A 94 -15.65 -23.73 -12.01
CA GLY A 94 -14.62 -24.00 -11.01
C GLY A 94 -13.48 -24.80 -11.57
N ARG A 95 -12.49 -25.04 -10.70
CA ARG A 95 -11.33 -25.85 -11.09
C ARG A 95 -11.55 -27.28 -10.65
N ILE A 96 -11.14 -28.21 -11.50
CA ILE A 96 -11.22 -29.62 -11.15
C ILE A 96 -10.14 -29.98 -10.15
N HIS A 97 -10.53 -30.11 -8.88
CA HIS A 97 -9.62 -30.48 -7.80
C HIS A 97 -9.30 -31.96 -7.86
N ASP A 98 -10.30 -32.78 -8.17
CA ASP A 98 -10.19 -34.24 -8.19
C ASP A 98 -11.29 -34.78 -9.08
N ILE A 99 -10.98 -35.86 -9.81
CA ILE A 99 -11.96 -36.67 -10.53
C ILE A 99 -11.77 -38.13 -10.14
N ARG A 100 -12.84 -38.79 -9.75
CA ARG A 100 -12.79 -40.23 -9.48
C ARG A 100 -13.78 -40.93 -10.39
N SER A 101 -13.26 -41.74 -11.29
CA SER A 101 -14.08 -42.50 -12.21
C SER A 101 -14.50 -43.83 -11.61
N LYS A 102 -15.78 -44.12 -11.65
CA LYS A 102 -16.33 -45.36 -11.12
C LYS A 102 -17.40 -45.97 -12.03
N GLY A 103 -17.00 -46.42 -13.19
CA GLY A 103 -17.88 -47.03 -14.16
C GLY A 103 -18.89 -46.10 -14.75
N SER A 104 -20.16 -46.35 -14.48
CA SER A 104 -21.22 -45.48 -14.95
C SER A 104 -21.34 -44.19 -14.15
N LEU A 105 -20.56 -44.04 -13.09
CA LEU A 105 -20.51 -42.80 -12.32
C LEU A 105 -19.13 -42.17 -12.43
N ALA A 106 -19.09 -40.83 -12.32
CA ALA A 106 -17.86 -40.09 -12.17
C ALA A 106 -18.08 -38.98 -11.16
N PHE A 107 -17.13 -38.81 -10.26
CA PHE A 107 -17.22 -37.82 -9.18
C PHE A 107 -16.13 -36.78 -9.37
N ILE A 108 -16.53 -35.52 -9.51
CA ILE A 108 -15.64 -34.39 -9.69
C ILE A 108 -15.73 -33.52 -8.46
N ILE A 109 -14.60 -33.19 -7.85
CA ILE A 109 -14.57 -32.14 -6.84
C ILE A 109 -14.22 -30.83 -7.55
N LEU A 110 -15.12 -29.85 -7.47
CA LEU A 110 -14.84 -28.51 -7.95
C LEU A 110 -14.31 -27.65 -6.81
N ARG A 111 -13.36 -26.77 -7.13
CA ARG A 111 -12.67 -25.94 -6.14
C ARG A 111 -12.67 -24.49 -6.60
N HIS A 112 -12.80 -23.60 -5.63
CA HIS A 112 -12.73 -22.16 -5.80
C HIS A 112 -12.37 -21.57 -4.45
N LYS A 113 -11.24 -20.90 -4.38
CA LYS A 113 -10.75 -20.32 -3.15
C LYS A 113 -10.63 -21.42 -2.12
N LEU A 114 -11.42 -21.34 -1.07
CA LEU A 114 -11.45 -22.27 0.04
C LEU A 114 -12.60 -23.20 0.02
N TYR A 115 -13.36 -23.15 -1.03
CA TYR A 115 -14.62 -23.87 -1.11
C TYR A 115 -14.54 -24.98 -2.14
N SER A 116 -15.14 -26.12 -1.82
CA SER A 116 -15.18 -27.22 -2.77
C SER A 116 -16.55 -27.89 -2.70
N MET A 117 -16.93 -28.52 -3.81
CA MET A 117 -18.24 -29.13 -3.95
C MET A 117 -18.16 -30.36 -4.85
N GLN A 118 -18.82 -31.43 -4.45
CA GLN A 118 -18.84 -32.63 -5.28
C GLN A 118 -19.93 -32.51 -6.35
N CYS A 119 -19.54 -32.84 -7.59
CA CYS A 119 -20.44 -32.93 -8.74
C CYS A 119 -20.40 -34.36 -9.27
N ILE A 120 -21.55 -34.86 -9.68
CA ILE A 120 -21.71 -36.27 -10.01
C ILE A 120 -22.24 -36.38 -11.43
N LEU A 121 -21.54 -37.15 -12.25
CA LEU A 121 -21.99 -37.52 -13.58
C LEU A 121 -22.42 -38.97 -13.52
N ASP A 122 -23.65 -39.22 -13.94
CA ASP A 122 -24.28 -40.53 -13.89
C ASP A 122 -24.91 -40.71 -15.26
N ILE A 123 -24.35 -41.58 -16.10
CA ILE A 123 -24.77 -41.48 -17.49
C ILE A 123 -26.05 -42.25 -17.76
N LYS A 124 -26.57 -43.01 -16.79
CA LYS A 124 -27.98 -43.39 -16.86
C LYS A 124 -28.86 -42.14 -16.99
N HIS A 125 -28.41 -41.02 -16.47
CA HIS A 125 -29.18 -39.79 -16.55
C HIS A 125 -28.74 -38.89 -17.68
N ASN A 126 -27.87 -39.40 -18.54
CA ASN A 126 -27.37 -38.61 -19.64
C ASN A 126 -27.40 -39.31 -20.98
N ASP A 127 -28.55 -39.94 -21.22
CA ASP A 127 -28.87 -40.69 -22.44
C ASP A 127 -27.89 -41.79 -22.75
N ASN A 128 -27.36 -42.39 -21.70
CA ASN A 128 -26.34 -43.41 -21.81
C ASN A 128 -25.25 -43.07 -22.78
N ASP A 129 -24.80 -41.82 -22.74
CA ASP A 129 -23.73 -41.40 -23.65
C ASP A 129 -22.38 -41.79 -23.05
N LYS A 130 -21.84 -42.89 -23.57
CA LYS A 130 -20.52 -43.37 -23.17
C LYS A 130 -19.43 -42.39 -23.59
N ASN A 131 -19.60 -41.69 -24.72
CA ASN A 131 -18.60 -40.74 -25.15
C ASN A 131 -18.47 -39.60 -24.17
N MET A 132 -19.59 -39.15 -23.61
CA MET A 132 -19.55 -38.10 -22.61
C MET A 132 -18.72 -38.53 -21.41
N MET A 133 -18.98 -39.74 -20.90
CA MET A 133 -18.20 -40.25 -19.77
C MET A 133 -16.71 -40.34 -20.12
N LYS A 134 -16.40 -40.85 -21.28
CA LYS A 134 -15.04 -40.99 -21.69
C LYS A 134 -14.33 -39.65 -21.74
N TRP A 135 -15.03 -38.65 -22.24
CA TRP A 135 -14.46 -37.32 -22.32
C TRP A 135 -14.24 -36.72 -20.94
N VAL A 136 -15.22 -36.90 -20.04
CA VAL A 136 -15.09 -36.35 -18.70
C VAL A 136 -13.92 -37.00 -17.96
N SER A 137 -13.84 -38.34 -18.02
CA SER A 137 -12.81 -39.06 -17.29
C SER A 137 -11.41 -38.65 -17.70
N ASN A 138 -11.22 -38.24 -18.96
CA ASN A 138 -9.93 -37.85 -19.51
C ASN A 138 -9.54 -36.42 -19.17
N LEU A 139 -10.40 -35.66 -18.51
CA LEU A 139 -10.08 -34.26 -18.23
C LEU A 139 -8.95 -34.19 -17.21
N PRO A 140 -7.91 -33.40 -17.45
CA PRO A 140 -6.81 -33.30 -16.48
C PRO A 140 -7.18 -32.45 -15.28
N LEU A 141 -6.61 -32.81 -14.12
CA LEU A 141 -6.83 -32.02 -12.92
C LEU A 141 -6.38 -30.58 -13.15
N GLU A 142 -7.04 -29.66 -12.44
CA GLU A 142 -6.91 -28.21 -12.46
C GLU A 142 -7.59 -27.57 -13.67
N SER A 143 -8.17 -28.33 -14.60
CA SER A 143 -8.89 -27.71 -15.70
C SER A 143 -10.09 -26.90 -15.17
N ILE A 144 -10.43 -25.85 -15.90
CA ILE A 144 -11.57 -25.00 -15.53
C ILE A 144 -12.78 -25.39 -16.37
N VAL A 145 -13.89 -25.67 -15.68
CA VAL A 145 -15.08 -26.11 -16.37
C VAL A 145 -16.27 -25.28 -15.92
N ASP A 146 -17.22 -25.14 -16.85
CA ASP A 146 -18.57 -24.66 -16.58
C ASP A 146 -19.51 -25.87 -16.59
N ILE A 147 -20.21 -26.06 -15.48
CA ILE A 147 -21.11 -27.18 -15.27
C ILE A 147 -22.52 -26.65 -15.18
N LYS A 148 -23.43 -27.26 -15.93
CA LYS A 148 -24.86 -27.05 -15.73
C LYS A 148 -25.40 -28.26 -14.99
N GLY A 149 -25.99 -28.03 -13.82
CA GLY A 149 -26.52 -29.15 -13.08
C GLY A 149 -27.49 -28.72 -12.00
N LYS A 150 -28.03 -29.71 -11.31
CA LYS A 150 -29.02 -29.48 -10.27
C LYS A 150 -28.40 -29.76 -8.91
N LEU A 151 -28.62 -28.89 -7.94
CA LEU A 151 -28.09 -29.11 -6.61
C LEU A 151 -29.07 -29.89 -5.75
N SER A 152 -28.52 -30.70 -4.85
CA SER A 152 -29.34 -31.38 -3.85
C SER A 152 -28.44 -31.78 -2.70
N LYS A 153 -29.06 -32.12 -1.58
CA LYS A 153 -28.32 -32.43 -0.36
C LYS A 153 -28.31 -33.92 -0.15
N PRO A 154 -27.16 -34.59 -0.17
CA PRO A 154 -27.15 -36.04 0.00
C PRO A 154 -27.38 -36.43 1.44
N GLU A 155 -27.74 -37.70 1.64
CA GLU A 155 -27.83 -38.27 2.97
C GLU A 155 -26.51 -38.08 3.72
N VAL A 156 -25.46 -38.79 3.30
CA VAL A 156 -24.13 -38.65 3.87
C VAL A 156 -23.33 -37.73 2.96
N PRO A 157 -23.01 -36.50 3.37
CA PRO A 157 -22.23 -35.60 2.53
C PRO A 157 -20.74 -35.82 2.68
N ILE A 158 -20.01 -35.49 1.61
CA ILE A 158 -18.57 -35.72 1.57
C ILE A 158 -17.88 -34.89 2.63
N ASP A 159 -17.07 -35.55 3.47
CA ASP A 159 -16.40 -34.83 4.55
C ASP A 159 -15.48 -33.74 4.00
N SER A 160 -14.81 -34.01 2.87
CA SER A 160 -13.79 -33.09 2.37
C SER A 160 -14.35 -31.80 1.80
N THR A 161 -15.63 -31.76 1.39
CA THR A 161 -16.19 -30.55 0.80
C THR A 161 -16.91 -29.74 1.87
N ASN A 162 -16.60 -28.45 1.96
CA ASN A 162 -17.29 -27.62 2.94
C ASN A 162 -18.65 -27.15 2.43
N ILE A 163 -18.95 -27.29 1.15
CA ILE A 163 -20.32 -27.18 0.65
C ILE A 163 -20.93 -28.57 0.74
N LYS A 164 -22.00 -28.71 1.52
CA LYS A 164 -22.60 -30.01 1.80
C LYS A 164 -23.70 -30.36 0.83
N TYR A 165 -23.75 -29.68 -0.30
CA TYR A 165 -24.63 -30.01 -1.42
C TYR A 165 -23.79 -30.59 -2.54
N GLU A 166 -24.44 -31.35 -3.41
CA GLU A 166 -23.82 -31.87 -4.61
C GLU A 166 -24.57 -31.39 -5.84
N ALA A 167 -23.82 -31.19 -6.92
CA ALA A 167 -24.39 -30.92 -8.22
C ALA A 167 -24.47 -32.21 -9.01
N HIS A 168 -25.65 -32.52 -9.55
CA HIS A 168 -25.81 -33.60 -10.51
C HIS A 168 -25.71 -33.00 -11.92
N ILE A 169 -24.70 -33.45 -12.66
CA ILE A 169 -24.26 -32.81 -13.90
C ILE A 169 -25.23 -33.14 -15.02
N ARG A 170 -25.74 -32.11 -15.68
CA ARG A 170 -26.40 -32.26 -16.98
C ARG A 170 -25.51 -31.85 -18.14
N LYS A 171 -24.71 -30.80 -18.01
CA LYS A 171 -23.75 -30.44 -19.03
C LYS A 171 -22.44 -30.08 -18.37
N ILE A 172 -21.34 -30.27 -19.09
CA ILE A 172 -20.03 -29.87 -18.58
C ILE A 172 -19.10 -29.52 -19.74
N PHE A 173 -18.62 -28.28 -19.76
CA PHE A 173 -17.78 -27.78 -20.82
C PHE A 173 -16.48 -27.28 -20.21
N CYS A 174 -15.36 -27.51 -20.89
CA CYS A 174 -14.05 -27.12 -20.39
C CYS A 174 -13.61 -25.85 -21.12
N ILE A 175 -13.48 -24.75 -20.38
CA ILE A 175 -13.04 -23.50 -21.00
C ILE A 175 -11.54 -23.28 -20.89
N SER A 176 -10.84 -24.00 -20.00
CA SER A 176 -9.39 -23.95 -19.95
C SER A 176 -8.87 -25.32 -19.52
N LYS A 177 -8.20 -26.03 -20.43
CA LYS A 177 -7.67 -27.35 -20.16
C LYS A 177 -6.22 -27.26 -19.66
N THR A 178 -5.92 -27.98 -18.57
CA THR A 178 -4.54 -28.09 -18.11
C THR A 178 -3.67 -28.63 -19.25
N ALA A 179 -2.58 -27.92 -19.55
CA ALA A 179 -1.74 -28.26 -20.69
C ALA A 179 -0.52 -29.09 -20.32
N LYS A 180 -0.18 -29.17 -19.05
CA LYS A 180 1.08 -29.72 -18.62
C LYS A 180 0.89 -30.55 -17.36
N GLU A 181 1.66 -31.63 -17.26
CA GLU A 181 1.64 -32.45 -16.06
C GLU A 181 2.08 -31.61 -14.86
N LEU A 182 1.33 -31.73 -13.76
CA LEU A 182 1.57 -30.89 -12.60
C LEU A 182 2.93 -31.21 -11.97
N PRO A 183 3.62 -30.21 -11.42
CA PRO A 183 4.90 -30.50 -10.79
C PRO A 183 4.75 -31.35 -9.55
N PHE A 184 3.59 -31.29 -8.90
CA PHE A 184 3.28 -32.17 -7.78
C PHE A 184 1.76 -32.19 -7.65
N LEU A 185 1.27 -33.09 -6.81
CA LEU A 185 -0.16 -33.25 -6.63
C LEU A 185 -0.65 -32.35 -5.51
N LEU A 186 -1.77 -31.65 -5.76
CA LEU A 186 -2.35 -30.82 -4.72
C LEU A 186 -2.76 -31.63 -3.50
N LYS A 187 -3.22 -32.87 -3.71
CA LYS A 187 -3.54 -33.74 -2.59
C LYS A 187 -2.33 -33.90 -1.66
N ASP A 188 -1.14 -34.01 -2.26
CA ASP A 188 0.08 -34.08 -1.47
C ASP A 188 0.47 -32.73 -0.89
N ALA A 189 0.39 -31.66 -1.70
CA ALA A 189 0.77 -30.35 -1.18
C ALA A 189 -0.15 -29.89 -0.05
N ASN A 190 -1.39 -30.40 -0.01
CA ASN A 190 -2.34 -30.01 1.04
C ASN A 190 -2.17 -30.78 2.35
N MET A 191 -1.42 -31.88 2.36
CA MET A 191 -1.42 -32.76 3.52
C MET A 191 -0.65 -32.16 4.69
N LYS A 192 -1.24 -32.24 5.88
CA LYS A 192 -0.47 -32.00 7.10
C LYS A 192 0.72 -32.95 7.11
N GLU A 193 1.91 -32.42 7.39
CA GLU A 193 3.11 -33.21 7.16
C GLU A 193 3.30 -34.24 8.28
N THR A 194 3.52 -35.49 7.88
CA THR A 194 3.50 -36.61 8.80
C THR A 194 4.60 -37.59 8.40
N ASN A 195 4.84 -38.57 9.27
CA ASN A 195 5.71 -39.69 8.95
C ASN A 195 4.93 -40.98 8.72
N GLU A 196 3.60 -40.93 8.81
CA GLU A 196 2.76 -42.09 8.51
C GLU A 196 3.12 -42.68 7.14
N GLU A 197 3.27 -44.00 7.09
CA GLU A 197 3.73 -44.68 5.89
C GLU A 197 2.89 -44.28 4.67
N GLY A 198 3.57 -44.06 3.55
CA GLY A 198 2.91 -43.65 2.33
C GLY A 198 2.70 -42.15 2.21
N SER A 199 3.39 -41.34 3.00
CA SER A 199 3.26 -39.90 2.95
C SER A 199 4.22 -39.33 1.90
N ILE A 200 3.69 -38.46 1.04
CA ILE A 200 4.52 -37.73 0.09
C ILE A 200 4.65 -36.30 0.60
N LYS A 201 5.89 -35.90 0.91
CA LYS A 201 6.18 -34.52 1.26
C LYS A 201 6.56 -33.75 0.00
N VAL A 202 6.07 -32.52 -0.10
CA VAL A 202 6.50 -31.58 -1.12
C VAL A 202 7.37 -30.55 -0.41
N ASN A 203 8.65 -30.48 -0.80
CA ASN A 203 9.60 -29.68 -0.04
C ASN A 203 9.57 -28.23 -0.49
N GLN A 204 10.18 -27.38 0.34
CA GLN A 204 10.08 -25.94 0.14
C GLN A 204 10.60 -25.53 -1.23
N ASP A 205 11.71 -26.11 -1.67
CA ASP A 205 12.30 -25.72 -2.94
C ASP A 205 11.36 -25.98 -4.10
N ASN A 206 10.74 -27.17 -4.12
CA ASN A 206 9.80 -27.53 -5.16
C ASN A 206 8.59 -26.62 -5.16
N ARG A 207 8.06 -26.33 -3.96
CA ARG A 207 6.93 -25.43 -3.84
C ARG A 207 7.27 -24.03 -4.34
N LEU A 208 8.37 -23.47 -3.88
CA LEU A 208 8.72 -22.13 -4.28
C LEU A 208 9.05 -22.03 -5.75
N ASN A 209 9.63 -23.08 -6.30
CA ASN A 209 9.93 -23.14 -7.71
C ASN A 209 8.68 -23.22 -8.59
N ASN A 210 7.59 -23.76 -8.07
CA ASN A 210 6.34 -23.89 -8.78
C ASN A 210 5.25 -23.16 -8.01
N ARG A 211 5.62 -22.00 -7.49
CA ARG A 211 4.76 -21.18 -6.64
C ARG A 211 3.34 -21.01 -7.09
N CYS A 212 3.12 -20.85 -8.37
CA CYS A 212 1.74 -20.67 -8.86
C CYS A 212 0.88 -21.91 -8.60
N VAL A 213 1.49 -23.09 -8.49
CA VAL A 213 0.73 -24.27 -8.11
C VAL A 213 0.64 -24.37 -6.59
N ASP A 214 1.78 -24.14 -5.91
CA ASP A 214 1.81 -24.20 -4.44
C ASP A 214 0.75 -23.28 -3.82
N LEU A 215 0.51 -22.10 -4.42
CA LEU A 215 -0.43 -21.15 -3.85
C LEU A 215 -1.87 -21.63 -3.89
N ARG A 216 -2.15 -22.73 -4.58
CA ARG A 216 -3.51 -23.23 -4.64
C ARG A 216 -3.90 -24.09 -3.45
N THR A 217 -2.95 -24.50 -2.59
CA THR A 217 -3.36 -25.22 -1.38
C THR A 217 -4.30 -24.36 -0.53
N TYR A 218 -5.19 -25.01 0.20
CA TYR A 218 -6.16 -24.28 1.01
C TYR A 218 -5.45 -23.41 2.05
N ALA A 219 -4.39 -23.95 2.68
CA ALA A 219 -3.67 -23.18 3.67
C ALA A 219 -3.00 -21.96 3.07
N ASN A 220 -2.38 -22.10 1.88
CA ASN A 220 -1.65 -20.95 1.33
C ASN A 220 -2.60 -19.85 0.89
N TYR A 221 -3.70 -20.22 0.20
CA TYR A 221 -4.73 -19.25 -0.11
C TYR A 221 -5.17 -18.50 1.15
N SER A 222 -5.37 -19.24 2.24
CA SER A 222 -5.83 -18.62 3.48
C SER A 222 -4.77 -17.70 4.08
N ILE A 223 -3.50 -18.11 4.05
CA ILE A 223 -2.42 -17.26 4.55
C ILE A 223 -2.44 -15.91 3.87
N PHE A 224 -2.57 -15.90 2.53
CA PHE A 224 -2.44 -14.60 1.88
C PHE A 224 -3.70 -13.73 1.94
N CYS A 225 -4.88 -14.36 2.12
CA CYS A 225 -6.04 -13.57 2.55
C CYS A 225 -5.83 -12.95 3.93
N LEU A 226 -5.21 -13.70 4.85
CA LEU A 226 -4.94 -13.13 6.18
C LEU A 226 -3.92 -12.01 6.12
N GLN A 227 -2.97 -12.11 5.17
CA GLN A 227 -2.01 -11.03 5.00
C GLN A 227 -2.71 -9.76 4.56
N SER A 228 -3.58 -9.89 3.54
CA SER A 228 -4.41 -8.75 3.14
C SER A 228 -5.20 -8.20 4.32
N GLN A 229 -5.75 -9.10 5.14
CA GLN A 229 -6.53 -8.66 6.30
C GLN A 229 -5.69 -7.84 7.29
N ILE A 230 -4.45 -8.24 7.54
CA ILE A 230 -3.60 -7.45 8.44
C ILE A 230 -3.35 -6.05 7.86
N CYS A 231 -3.04 -5.98 6.55
CA CYS A 231 -2.87 -4.66 5.94
C CYS A 231 -4.11 -3.79 6.14
N THR A 232 -5.28 -4.37 5.89
CA THR A 232 -6.52 -3.60 5.99
C THR A 232 -6.74 -3.09 7.41
N ILE A 233 -6.58 -3.98 8.40
CA ILE A 233 -6.83 -3.59 9.79
C ILE A 233 -5.87 -2.50 10.21
N PHE A 234 -4.59 -2.64 9.82
CA PHE A 234 -3.56 -1.65 10.16
C PHE A 234 -3.92 -0.29 9.60
N LYS A 235 -4.22 -0.24 8.31
CA LYS A 235 -4.51 1.04 7.68
C LYS A 235 -5.78 1.66 8.26
N ASN A 236 -6.82 0.85 8.47
CA ASN A 236 -8.08 1.44 8.92
C ASN A 236 -7.99 1.93 10.36
N PHE A 237 -7.25 1.22 11.20
CA PHE A 237 -7.04 1.72 12.55
C PHE A 237 -6.33 3.07 12.53
N LEU A 238 -5.27 3.18 11.72
CA LEU A 238 -4.55 4.45 11.68
C LEU A 238 -5.39 5.57 11.06
N LEU A 239 -6.10 5.28 9.98
CA LEU A 239 -6.97 6.28 9.34
C LEU A 239 -8.04 6.75 10.30
N GLU A 240 -8.64 5.83 11.06
CA GLU A 240 -9.65 6.19 12.03
C GLU A 240 -9.06 7.04 13.14
N ASN A 241 -7.74 7.01 13.32
CA ASN A 241 -7.09 7.88 14.30
C ASN A 241 -6.40 9.07 13.64
N ASN A 242 -6.87 9.48 12.46
CA ASN A 242 -6.48 10.74 11.81
C ASN A 242 -5.09 10.70 11.21
N PHE A 243 -4.56 9.52 10.89
CA PHE A 243 -3.31 9.41 10.13
C PHE A 243 -3.57 9.64 8.64
N ILE A 244 -2.53 10.09 7.94
CA ILE A 244 -2.57 10.05 6.47
C ILE A 244 -1.51 9.08 5.97
N GLU A 245 -1.81 8.45 4.84
CA GLU A 245 -0.86 7.56 4.19
C GLU A 245 0.13 8.38 3.36
N ILE A 246 1.41 8.04 3.47
CA ILE A 246 2.44 8.67 2.67
C ILE A 246 3.14 7.61 1.82
N HIS A 247 3.83 8.09 0.78
CA HIS A 247 4.60 7.25 -0.12
C HIS A 247 5.92 7.96 -0.37
N THR A 248 7.01 7.36 0.10
CA THR A 248 8.33 7.96 0.03
C THR A 248 9.26 7.10 -0.82
N PRO A 249 10.31 7.69 -1.40
CA PRO A 249 11.09 6.97 -2.41
C PRO A 249 11.92 5.82 -1.85
N LYS A 250 12.09 4.78 -2.67
CA LYS A 250 13.01 3.69 -2.35
C LYS A 250 14.36 3.83 -3.04
N LEU A 251 14.46 4.67 -4.07
CA LEU A 251 15.73 5.02 -4.67
C LEU A 251 16.35 6.15 -3.87
N LEU A 252 17.53 5.90 -3.28
CA LEU A 252 18.18 6.84 -2.37
C LEU A 252 19.52 7.26 -2.94
N GLY A 253 19.93 8.49 -2.63
CA GLY A 253 21.27 8.93 -2.97
C GLY A 253 22.30 8.35 -2.03
N GLU A 254 21.90 8.08 -0.82
CA GLU A 254 22.78 7.54 0.19
C GLU A 254 21.96 6.55 1.02
N SER A 255 22.61 5.63 1.72
CA SER A 255 21.90 4.63 2.49
C SER A 255 21.65 5.11 3.92
N ALA A 260 26.06 -0.31 3.40
CA ALA A 260 26.52 -1.38 4.26
C ALA A 260 25.76 -2.65 3.92
N ASN A 261 24.49 -2.68 4.30
CA ASN A 261 23.68 -3.80 3.96
C ASN A 261 22.63 -3.30 3.01
N ALA A 262 23.04 -2.52 2.03
CA ALA A 262 22.09 -1.98 1.09
C ALA A 262 22.46 -2.27 -0.34
N PHE A 263 21.48 -2.61 -1.15
CA PHE A 263 21.73 -2.84 -2.57
C PHE A 263 22.13 -1.53 -3.23
N GLN A 264 23.13 -1.60 -4.10
CA GLN A 264 23.55 -0.45 -4.89
C GLN A 264 22.93 -0.49 -6.27
N ILE A 265 22.68 0.69 -6.82
CA ILE A 265 22.16 0.85 -8.16
C ILE A 265 22.91 2.01 -8.81
N ASN A 266 22.97 1.97 -10.14
CA ASN A 266 23.44 3.09 -10.93
C ASN A 266 22.21 3.91 -11.32
N TYR A 267 22.14 5.14 -10.80
CA TYR A 267 21.05 6.07 -11.07
C TYR A 267 21.60 7.17 -11.98
N PHE A 268 21.58 6.91 -13.28
CA PHE A 268 22.00 7.88 -14.29
C PHE A 268 23.41 8.42 -14.01
N ASN A 269 24.34 7.49 -13.76
CA ASN A 269 25.74 7.76 -13.45
C ASN A 269 25.91 8.49 -12.11
N GLN A 270 24.88 8.50 -11.28
CA GLN A 270 25.04 8.67 -9.85
C GLN A 270 25.04 7.30 -9.20
N LYS A 271 25.64 7.20 -8.03
CA LYS A 271 25.60 5.98 -7.26
C LYS A 271 24.48 6.12 -6.23
N GLY A 272 23.52 5.19 -6.27
CA GLY A 272 22.40 5.23 -5.36
C GLY A 272 22.20 3.87 -4.69
N PHE A 273 21.19 3.83 -3.82
CA PHE A 273 20.94 2.66 -3.00
C PHE A 273 19.43 2.47 -2.88
N LEU A 274 19.03 1.25 -2.54
CA LEU A 274 17.64 0.94 -2.22
C LEU A 274 17.40 1.17 -0.74
N ALA A 275 16.25 1.80 -0.43
CA ALA A 275 15.90 2.05 0.96
C ALA A 275 15.75 0.75 1.75
N GLN A 276 16.43 0.69 2.90
CA GLN A 276 16.16 -0.35 3.87
C GLN A 276 14.98 -0.01 4.77
N SER A 277 14.60 1.26 4.83
CA SER A 277 13.53 1.77 5.67
C SER A 277 13.16 3.15 5.16
N PRO A 278 11.90 3.59 5.28
CA PRO A 278 11.60 4.95 4.90
C PRO A 278 11.78 5.88 6.10
N GLN A 279 12.66 5.52 7.01
CA GLN A 279 12.82 6.24 8.25
C GLN A 279 13.14 7.71 8.11
N LEU A 280 14.05 8.08 7.25
CA LEU A 280 14.37 9.47 7.14
C LEU A 280 13.22 10.30 6.59
N TYR A 281 12.51 9.78 5.61
CA TYR A 281 11.42 10.54 4.96
C TYR A 281 10.19 10.66 5.85
N LYS A 282 9.87 9.64 6.66
CA LYS A 282 8.69 9.79 7.51
C LYS A 282 8.94 10.79 8.63
N GLN A 283 10.18 10.84 9.15
CA GLN A 283 10.52 11.94 10.06
C GLN A 283 10.48 13.30 9.35
N MET A 284 10.96 13.38 8.11
CA MET A 284 10.89 14.67 7.41
C MET A 284 9.44 15.12 7.23
N CYS A 285 8.53 14.17 6.99
CA CYS A 285 7.11 14.52 6.92
C CYS A 285 6.60 15.03 8.25
N ILE A 286 7.04 14.43 9.36
CA ILE A 286 6.60 14.95 10.66
C ILE A 286 7.15 16.35 10.87
N ASN A 287 8.41 16.59 10.46
CA ASN A 287 8.97 17.93 10.57
C ASN A 287 8.27 18.91 9.65
N SER A 288 7.51 18.43 8.66
CA SER A 288 6.75 19.29 7.76
C SER A 288 5.37 19.63 8.28
N GLY A 289 4.97 19.05 9.41
CA GLY A 289 3.67 19.31 9.99
C GLY A 289 2.60 18.27 9.71
N PHE A 290 2.95 17.11 9.13
CA PHE A 290 1.93 16.11 8.80
C PHE A 290 1.35 15.42 10.04
N ASP A 291 2.06 15.51 11.18
CA ASP A 291 1.56 15.10 12.50
C ASP A 291 1.42 13.60 12.71
N ARG A 292 0.74 12.89 11.80
CA ARG A 292 0.55 11.44 11.90
C ARG A 292 0.61 10.83 10.51
N VAL A 293 1.62 9.99 10.27
CA VAL A 293 1.81 9.38 8.95
C VAL A 293 2.07 7.89 9.11
N PHE A 294 1.66 7.13 8.09
CA PHE A 294 2.06 5.75 7.97
C PHE A 294 2.37 5.45 6.51
N GLU A 295 3.18 4.42 6.30
CA GLU A 295 3.50 3.93 4.98
C GLU A 295 3.44 2.42 4.99
N VAL A 296 2.92 1.83 3.91
CA VAL A 296 2.93 0.38 3.69
C VAL A 296 3.67 0.17 2.38
N ALA A 297 4.88 -0.38 2.41
CA ALA A 297 5.72 -0.28 1.23
C ALA A 297 6.89 -1.26 1.34
N PRO A 298 7.46 -1.67 0.20
CA PRO A 298 8.64 -2.55 0.23
C PRO A 298 9.85 -1.87 0.85
N VAL A 299 10.71 -2.72 1.42
CA VAL A 299 12.05 -2.34 1.83
C VAL A 299 12.98 -3.48 1.41
N PHE A 300 14.27 -3.15 1.31
CA PHE A 300 15.27 -3.99 0.67
C PHE A 300 16.51 -4.07 1.55
N ARG A 301 16.94 -5.30 1.86
CA ARG A 301 18.06 -5.59 2.75
C ARG A 301 19.04 -6.50 2.03
N ALA A 302 20.33 -6.14 2.00
CA ALA A 302 21.31 -6.88 1.22
C ALA A 302 22.22 -7.78 2.04
N GLU A 303 21.88 -8.08 3.28
CA GLU A 303 22.72 -8.97 4.05
C GLU A 303 22.70 -10.36 3.49
N ASN A 304 23.86 -11.00 3.45
CA ASN A 304 23.97 -12.36 2.92
C ASN A 304 23.67 -13.37 4.02
N SER A 305 22.39 -13.47 4.34
CA SER A 305 21.90 -14.26 5.47
C SER A 305 20.86 -15.23 4.94
N ASN A 306 21.03 -16.52 5.24
CA ASN A 306 20.13 -17.58 4.78
C ASN A 306 19.54 -18.26 6.02
N THR A 307 18.39 -17.75 6.47
CA THR A 307 17.75 -18.29 7.67
C THR A 307 16.25 -18.44 7.43
N TYR A 308 15.60 -19.11 8.39
CA TYR A 308 14.15 -19.27 8.36
C TYR A 308 13.38 -17.96 8.43
N ARG A 309 14.03 -16.86 8.77
CA ARG A 309 13.29 -15.61 8.88
C ARG A 309 13.79 -14.37 8.16
N HIS A 310 14.85 -14.47 7.40
CA HIS A 310 15.40 -13.30 6.74
C HIS A 310 14.98 -13.29 5.27
N LEU A 311 14.42 -12.17 4.83
CA LEU A 311 14.17 -11.93 3.42
C LEU A 311 14.96 -10.70 2.96
N CYS A 312 15.43 -10.73 1.70
CA CYS A 312 16.11 -9.57 1.15
C CYS A 312 15.14 -8.46 0.73
N GLU A 313 13.87 -8.78 0.57
CA GLU A 313 12.84 -7.82 0.22
C GLU A 313 11.59 -8.19 1.00
N TYR A 314 10.98 -7.22 1.65
CA TYR A 314 9.75 -7.50 2.37
C TYR A 314 8.94 -6.22 2.47
N VAL A 315 7.77 -6.31 3.11
CA VAL A 315 6.85 -5.19 3.24
C VAL A 315 6.94 -4.64 4.66
N SER A 316 7.23 -3.36 4.77
CA SER A 316 7.31 -2.68 6.05
C SER A 316 6.06 -1.83 6.26
N LEU A 317 5.48 -1.97 7.44
CA LEU A 317 4.42 -1.10 7.93
C LEU A 317 5.09 -0.08 8.86
N ASP A 318 5.08 1.18 8.47
CA ASP A 318 5.80 2.21 9.19
C ASP A 318 4.84 3.25 9.72
N VAL A 319 5.06 3.66 10.96
CA VAL A 319 4.26 4.69 11.62
C VAL A 319 5.21 5.74 12.17
N GLU A 320 4.79 7.01 12.09
CA GLU A 320 5.51 8.11 12.73
C GLU A 320 4.47 9.15 13.16
N MET A 321 4.65 9.71 14.36
CA MET A 321 3.61 10.58 14.89
C MET A 321 4.18 11.47 15.98
N THR A 322 3.52 12.60 16.20
CA THR A 322 3.91 13.47 17.30
C THR A 322 3.31 12.99 18.62
N TYR A 323 3.79 13.59 19.68
CA TYR A 323 3.30 13.35 21.03
C TYR A 323 3.24 14.67 21.76
N LYS A 324 2.35 14.81 22.71
CA LYS A 324 2.25 16.03 23.44
C LYS A 324 3.35 16.33 24.44
N TYR A 325 3.59 15.43 25.38
CA TYR A 325 4.59 15.68 26.42
C TYR A 325 5.37 14.45 26.82
N ASP A 326 4.84 13.29 26.55
CA ASP A 326 5.47 12.02 26.94
C ASP A 326 5.42 11.07 25.76
N TYR A 327 6.58 10.54 25.35
CA TYR A 327 6.59 9.61 24.23
C TYR A 327 5.82 8.33 24.54
N LEU A 328 5.64 8.00 25.82
CA LEU A 328 4.84 6.83 26.17
C LEU A 328 3.39 6.98 25.70
N GLU A 329 2.90 8.22 25.53
CA GLU A 329 1.63 8.44 24.85
C GLU A 329 1.56 7.62 23.56
N ASN A 330 2.60 7.69 22.74
CA ASN A 330 2.60 6.97 21.48
C ASN A 330 2.79 5.47 21.70
N VAL A 331 3.61 5.08 22.69
CA VAL A 331 3.89 3.66 22.89
C VAL A 331 2.58 2.92 23.16
N HIS A 332 1.78 3.45 24.08
CA HIS A 332 0.49 2.86 24.37
C HIS A 332 -0.40 2.86 23.13
N PHE A 333 -0.33 3.93 22.33
CA PHE A 333 -1.06 3.92 21.07
C PHE A 333 -0.63 2.73 20.20
N TYR A 334 0.68 2.55 20.00
CA TYR A 334 1.11 1.42 19.18
C TYR A 334 0.66 0.11 19.81
N ASP A 335 0.68 0.04 21.15
CA ASP A 335 0.20 -1.15 21.84
C ASP A 335 -1.26 -1.41 21.51
N SER A 336 -2.10 -0.36 21.61
CA SER A 336 -3.50 -0.50 21.25
C SER A 336 -3.63 -0.99 19.82
N MET A 337 -2.80 -0.45 18.93
CA MET A 337 -2.84 -0.89 17.53
C MET A 337 -2.70 -2.40 17.43
N PHE A 338 -1.70 -2.97 18.10
CA PHE A 338 -1.51 -4.41 17.95
C PHE A 338 -2.63 -5.18 18.61
N LYS A 339 -3.09 -4.72 19.78
CA LYS A 339 -4.21 -5.42 20.41
C LYS A 339 -5.40 -5.42 19.47
N HIS A 340 -5.61 -4.31 18.77
CA HIS A 340 -6.72 -4.22 17.84
C HIS A 340 -6.52 -5.18 16.68
N ILE A 341 -5.30 -5.23 16.13
CA ILE A 341 -4.99 -6.21 15.09
C ILE A 341 -5.30 -7.62 15.59
N PHE A 342 -4.84 -7.94 16.81
CA PHE A 342 -5.06 -9.30 17.29
C PHE A 342 -6.56 -9.56 17.39
N THR A 343 -7.29 -8.60 17.95
CA THR A 343 -8.71 -8.79 18.15
C THR A 343 -9.41 -8.97 16.82
N GLU A 344 -9.00 -8.20 15.80
CA GLU A 344 -9.77 -8.26 14.56
C GLU A 344 -9.40 -9.51 13.78
N LEU A 345 -8.20 -10.05 13.96
CA LEU A 345 -7.87 -11.24 13.18
C LEU A 345 -8.61 -12.44 13.73
N SER A 346 -8.95 -12.41 15.01
CA SER A 346 -9.53 -13.52 15.74
C SER A 346 -11.05 -13.47 15.79
N LYS A 347 -11.69 -12.60 15.03
CA LYS A 347 -13.11 -12.35 15.20
C LYS A 347 -13.86 -12.46 13.88
N GLY A 348 -15.05 -13.05 13.94
CA GLY A 348 -15.92 -13.13 12.79
C GLY A 348 -15.77 -14.44 12.03
N GLY A 349 -16.78 -14.75 11.23
CA GLY A 349 -16.79 -16.01 10.50
C GLY A 349 -15.65 -16.13 9.51
N LYS A 350 -15.45 -15.11 8.68
CA LYS A 350 -14.47 -15.23 7.60
C LYS A 350 -13.05 -15.46 8.14
N ASN A 351 -12.63 -14.66 9.09
CA ASN A 351 -11.27 -14.81 9.63
C ASN A 351 -11.12 -16.11 10.39
N GLU A 352 -12.13 -16.50 11.15
CA GLU A 352 -12.09 -17.77 11.86
C GLU A 352 -11.90 -18.92 10.88
N MET A 353 -12.61 -18.91 9.76
CA MET A 353 -12.44 -19.98 8.78
C MET A 353 -11.07 -19.94 8.11
N LEU A 354 -10.57 -18.74 7.79
CA LEU A 354 -9.23 -18.64 7.22
C LEU A 354 -8.19 -19.22 8.17
N ILE A 355 -8.26 -18.84 9.44
CA ILE A 355 -7.26 -19.32 10.40
C ILE A 355 -7.38 -20.83 10.56
N LYS A 356 -8.62 -21.33 10.70
CA LYS A 356 -8.83 -22.78 10.80
C LYS A 356 -8.23 -23.50 9.60
N THR A 357 -8.44 -22.97 8.41
CA THR A 357 -7.93 -23.64 7.21
C THR A 357 -6.40 -23.70 7.22
N VAL A 358 -5.74 -22.62 7.64
CA VAL A 358 -4.28 -22.70 7.81
C VAL A 358 -3.91 -23.77 8.82
N LYS A 359 -4.58 -23.75 9.96
CA LYS A 359 -4.26 -24.67 11.05
C LYS A 359 -4.44 -26.12 10.70
N GLY A 360 -5.31 -26.40 9.76
CA GLY A 360 -5.54 -27.76 9.32
C GLY A 360 -4.29 -28.39 8.79
N GLN A 361 -3.49 -27.65 8.06
CA GLN A 361 -2.24 -28.15 7.57
C GLN A 361 -1.09 -27.78 8.49
N TYR A 362 -1.18 -26.67 9.19
CA TYR A 362 -0.10 -26.23 10.05
C TYR A 362 -0.57 -25.88 11.46
N PRO A 363 -0.86 -26.88 12.25
CA PRO A 363 -1.38 -26.65 13.60
C PRO A 363 -0.44 -25.94 14.54
N CYS A 364 -1.00 -25.06 15.34
CA CYS A 364 -0.29 -24.32 16.35
C CYS A 364 -1.32 -23.79 17.31
N GLU A 365 -0.94 -23.55 18.55
CA GLU A 365 -1.88 -23.05 19.52
C GLU A 365 -2.30 -21.65 19.16
N ASP A 366 -3.54 -21.29 19.47
CA ASP A 366 -4.03 -19.96 19.14
C ASP A 366 -3.19 -18.89 19.81
N PHE A 367 -2.96 -17.79 19.09
CA PHE A 367 -2.19 -16.68 19.62
C PHE A 367 -2.89 -16.05 20.81
N GLN A 368 -2.12 -15.76 21.85
CA GLN A 368 -2.65 -15.34 23.15
C GLN A 368 -2.13 -13.98 23.53
N TRP A 369 -3.01 -13.09 23.99
CA TRP A 369 -2.60 -11.78 24.49
C TRP A 369 -3.52 -11.34 25.61
N LEU A 370 -3.07 -10.36 26.38
CA LEU A 370 -3.76 -9.91 27.58
C LEU A 370 -4.42 -8.55 27.34
N GLU A 371 -5.33 -8.21 28.25
CA GLU A 371 -5.97 -6.89 28.19
C GLU A 371 -5.02 -5.79 28.63
N GLU A 372 -4.08 -6.11 29.51
CA GLU A 372 -2.97 -5.23 29.83
C GLU A 372 -1.68 -5.89 29.35
N THR A 373 -1.00 -5.23 28.42
CA THR A 373 0.22 -5.80 27.82
C THR A 373 1.38 -5.66 28.80
N PRO A 374 2.10 -6.74 29.11
CA PRO A 374 3.25 -6.59 30.01
C PRO A 374 4.35 -5.78 29.34
N ILE A 375 4.98 -4.92 30.15
CA ILE A 375 6.06 -4.05 29.72
C ILE A 375 7.23 -4.30 30.68
N PHE A 376 8.38 -4.67 30.13
CA PHE A 376 9.58 -4.83 30.94
C PHE A 376 10.65 -3.89 30.42
N THR A 377 11.45 -3.34 31.32
CA THR A 377 12.64 -2.66 30.84
C THR A 377 13.68 -3.70 30.42
N TYR A 378 14.65 -3.26 29.61
CA TYR A 378 15.75 -4.13 29.21
C TYR A 378 16.49 -4.69 30.42
N GLU A 379 16.76 -3.84 31.42
CA GLU A 379 17.41 -4.29 32.64
C GLU A 379 16.59 -5.37 33.36
N GLU A 380 15.27 -5.15 33.46
CA GLU A 380 14.40 -6.16 34.06
C GLU A 380 14.45 -7.48 33.29
N ALA A 381 14.41 -7.41 31.95
CA ALA A 381 14.46 -8.62 31.13
C ALA A 381 15.77 -9.38 31.35
N ILE A 382 16.89 -8.66 31.38
CA ILE A 382 18.18 -9.27 31.66
C ILE A 382 18.12 -10.00 33.00
N LYS A 383 17.66 -9.29 34.04
CA LYS A 383 17.61 -9.89 35.36
C LYS A 383 16.69 -11.09 35.41
N MET A 384 15.59 -11.08 34.63
CA MET A 384 14.73 -12.27 34.56
C MET A 384 15.48 -13.45 33.96
N LEU A 385 16.20 -13.21 32.85
CA LEU A 385 16.93 -14.29 32.19
C LEU A 385 18.04 -14.84 33.08
N ILE A 386 18.72 -13.97 33.82
CA ILE A 386 19.74 -14.44 34.74
C ILE A 386 19.10 -15.22 35.89
N GLN A 387 17.96 -14.75 36.39
CA GLN A 387 17.29 -15.43 37.49
C GLN A 387 16.82 -16.82 37.09
N HIS A 388 16.35 -16.98 35.87
CA HIS A 388 15.92 -18.31 35.42
C HIS A 388 17.08 -19.17 34.91
N GLY A 389 18.33 -18.78 35.16
CA GLY A 389 19.48 -19.54 34.68
C GLY A 389 19.60 -19.69 33.17
N LYS A 390 19.08 -18.73 32.39
CA LYS A 390 19.23 -18.76 30.94
C LYS A 390 20.41 -17.93 30.44
N LEU A 391 21.04 -17.18 31.33
CA LEU A 391 22.03 -16.20 30.96
C LEU A 391 23.02 -16.05 32.11
N HIS A 392 24.29 -15.87 31.78
CA HIS A 392 25.34 -15.72 32.79
C HIS A 392 26.23 -14.54 32.40
N LEU A 393 26.18 -13.48 33.21
CA LEU A 393 26.92 -12.25 32.99
C LEU A 393 27.45 -11.74 34.33
N LYS A 394 28.67 -11.23 34.33
CA LYS A 394 29.10 -10.44 35.47
C LYS A 394 28.32 -9.13 35.51
N GLU A 395 28.33 -8.46 36.67
CA GLU A 395 27.72 -7.14 36.74
C GLU A 395 28.50 -6.12 35.92
N GLU A 396 29.81 -6.35 35.76
CA GLU A 396 30.62 -5.54 34.85
C GLU A 396 30.07 -5.58 33.43
N GLU A 397 29.52 -6.73 33.02
CA GLU A 397 29.10 -6.97 31.64
C GLU A 397 27.64 -6.63 31.35
N ILE A 398 26.84 -6.31 32.35
CA ILE A 398 25.41 -6.11 32.11
C ILE A 398 25.14 -4.81 31.36
N LEU A 399 26.05 -3.84 31.44
CA LEU A 399 25.85 -2.57 30.76
C LEU A 399 25.87 -2.76 29.24
N ALA A 400 26.89 -3.42 28.73
CA ALA A 400 27.13 -3.54 27.29
C ALA A 400 26.48 -4.76 26.66
N TYR A 401 25.69 -5.53 27.41
CA TYR A 401 25.20 -6.80 26.90
C TYR A 401 24.14 -6.57 25.81
N ASP A 402 24.30 -7.28 24.71
CA ASP A 402 23.44 -7.16 23.54
C ASP A 402 22.69 -8.48 23.37
N MET A 403 21.41 -8.48 23.70
CA MET A 403 20.63 -9.71 23.78
C MET A 403 20.52 -10.40 22.42
N SER A 404 20.84 -11.69 22.38
CA SER A 404 20.75 -12.44 21.13
C SER A 404 19.29 -12.79 20.81
N THR A 405 19.08 -13.30 19.60
CA THR A 405 17.75 -13.71 19.17
C THR A 405 17.27 -14.96 19.91
N ASP A 406 18.16 -15.93 20.10
CA ASP A 406 17.81 -17.08 20.95
C ASP A 406 17.45 -16.63 22.36
N MET A 407 18.22 -15.69 22.92
CA MET A 407 17.91 -15.23 24.27
C MET A 407 16.52 -14.59 24.31
N GLU A 408 16.15 -13.87 23.25
CA GLU A 408 14.82 -13.27 23.18
C GLU A 408 13.73 -14.33 23.13
N LYS A 409 13.99 -15.45 22.44
CA LYS A 409 13.06 -16.57 22.52
C LYS A 409 12.97 -17.17 23.92
N GLU A 410 14.08 -17.20 24.66
CA GLU A 410 14.03 -17.70 26.03
C GLU A 410 13.21 -16.79 26.93
N LEU A 411 13.37 -15.48 26.74
CA LEU A 411 12.48 -14.54 27.42
C LEU A 411 11.03 -14.82 27.07
N GLY A 412 10.73 -15.06 25.77
CA GLY A 412 9.37 -15.37 25.38
C GLY A 412 8.81 -16.56 26.13
N LYS A 413 9.60 -17.62 26.27
CA LYS A 413 9.17 -18.79 27.03
C LYS A 413 8.87 -18.44 28.50
N ILE A 414 9.81 -17.72 29.14
CA ILE A 414 9.60 -17.31 30.53
C ILE A 414 8.30 -16.54 30.67
N VAL A 415 8.06 -15.57 29.79
CA VAL A 415 6.89 -14.70 29.90
C VAL A 415 5.61 -15.44 29.56
N LYS A 416 5.66 -16.38 28.61
CA LYS A 416 4.50 -17.23 28.37
C LYS A 416 4.14 -18.02 29.63
N ALA A 417 5.15 -18.52 30.34
CA ALA A 417 4.88 -19.30 31.53
C ALA A 417 4.33 -18.44 32.66
N SER A 418 4.88 -17.24 32.85
CA SER A 418 4.52 -16.46 34.03
C SER A 418 3.33 -15.53 33.81
N HIS A 419 3.18 -14.96 32.61
CA HIS A 419 2.11 -14.02 32.33
C HIS A 419 1.05 -14.57 31.39
N HIS A 420 1.24 -15.76 30.83
CA HIS A 420 0.25 -16.42 29.97
C HIS A 420 -0.12 -15.57 28.76
N THR A 421 0.91 -15.08 28.06
CA THR A 421 0.71 -14.29 26.87
C THR A 421 1.84 -14.56 25.87
N ASP A 422 1.55 -14.36 24.59
CA ASP A 422 2.54 -14.42 23.52
C ASP A 422 3.02 -13.05 23.08
N TYR A 423 2.58 -11.98 23.73
CA TYR A 423 2.81 -10.63 23.24
C TYR A 423 3.27 -9.76 24.41
N TYR A 424 4.44 -9.13 24.28
CA TYR A 424 4.87 -8.23 25.35
C TYR A 424 5.81 -7.18 24.76
N ILE A 425 6.22 -6.24 25.62
CA ILE A 425 6.96 -5.05 25.23
C ILE A 425 8.23 -4.94 26.07
N ILE A 426 9.35 -4.59 25.43
CA ILE A 426 10.59 -4.24 26.12
C ILE A 426 10.91 -2.78 25.81
N ILE A 427 11.21 -2.01 26.85
CA ILE A 427 11.55 -0.59 26.74
C ILE A 427 12.90 -0.35 27.39
N ASN A 428 13.46 0.83 27.10
CA ASN A 428 14.67 1.36 27.75
C ASN A 428 15.92 0.55 27.41
N PHE A 429 16.10 0.28 26.12
CA PHE A 429 17.34 -0.33 25.65
C PHE A 429 18.50 0.64 25.87
N PRO A 430 19.71 0.12 26.08
CA PRO A 430 20.88 1.01 26.16
C PRO A 430 21.07 1.78 24.87
N SER A 431 21.42 3.07 25.02
CA SER A 431 21.57 3.95 23.87
C SER A 431 22.62 3.46 22.89
N ALA A 432 23.71 2.88 23.41
CA ALA A 432 24.79 2.41 22.54
C ALA A 432 24.34 1.31 21.60
N LEU A 433 23.20 0.67 21.86
CA LEU A 433 22.72 -0.42 21.03
C LEU A 433 21.61 -0.03 20.06
N ARG A 434 21.23 1.25 19.99
CA ARG A 434 20.12 1.72 19.17
C ARG A 434 20.61 2.74 18.14
N PRO A 435 19.82 3.01 17.10
CA PRO A 435 20.31 3.88 16.00
C PRO A 435 20.53 5.31 16.44
N PHE A 436 21.23 6.07 15.58
CA PHE A 436 21.66 7.42 15.93
C PHE A 436 20.50 8.37 16.20
N TYR A 437 19.33 8.12 15.60
CA TYR A 437 18.22 9.04 15.74
C TYR A 437 17.41 8.81 17.02
N THR A 438 17.83 7.84 17.84
CA THR A 438 17.14 7.49 19.09
C THR A 438 17.47 8.50 20.19
N MET A 439 16.43 9.08 20.79
CA MET A 439 16.63 9.98 21.92
C MET A 439 17.02 9.19 23.17
N TYR A 440 18.05 9.66 23.87
CA TYR A 440 18.48 9.09 25.13
C TYR A 440 17.80 9.81 26.29
N LYS A 441 17.84 9.20 27.47
CA LYS A 441 17.30 9.84 28.66
C LYS A 441 18.33 10.84 29.20
N GLU A 442 17.89 12.06 29.47
CA GLU A 442 18.86 13.07 29.88
C GLU A 442 19.38 12.86 31.30
N ASP A 443 18.66 12.11 32.13
CA ASP A 443 19.17 11.75 33.45
C ASP A 443 20.22 10.64 33.36
N GLU A 444 19.92 9.58 32.60
CA GLU A 444 20.85 8.48 32.32
C GLU A 444 21.06 8.43 30.81
N PRO A 445 22.01 9.21 30.26
CA PRO A 445 22.22 9.17 28.80
C PRO A 445 22.55 7.79 28.26
N ALA A 446 23.08 6.89 29.11
CA ALA A 446 23.35 5.52 28.69
C ALA A 446 22.08 4.76 28.33
N ILE A 447 20.92 5.23 28.77
CA ILE A 447 19.64 4.57 28.55
C ILE A 447 18.85 5.40 27.55
N SER A 448 18.10 4.72 26.66
CA SER A 448 17.37 5.41 25.61
C SER A 448 15.87 5.17 25.75
N ASN A 449 15.09 6.03 25.11
CA ASN A 449 13.63 5.94 25.11
C ASN A 449 13.18 5.16 23.87
N SER A 450 13.44 3.85 23.93
CA SER A 450 13.26 2.93 22.82
C SER A 450 12.39 1.76 23.27
N TYR A 451 11.88 0.99 22.30
CA TYR A 451 10.95 -0.10 22.58
C TYR A 451 10.92 -1.10 21.42
N ASP A 452 10.88 -2.39 21.76
CA ASP A 452 10.54 -3.45 20.81
C ASP A 452 9.33 -4.23 21.33
N PHE A 453 8.42 -4.61 20.42
CA PHE A 453 7.31 -5.51 20.73
C PHE A 453 7.67 -6.91 20.24
N PHE A 454 7.18 -7.91 20.97
CA PHE A 454 7.47 -9.31 20.69
C PHE A 454 6.18 -10.10 20.58
N MET A 455 6.18 -11.02 19.61
CA MET A 455 5.16 -12.05 19.40
C MET A 455 5.84 -13.41 19.42
N ARG A 456 5.37 -14.30 20.30
CA ARG A 456 5.95 -15.64 20.48
C ARG A 456 7.46 -15.57 20.67
N GLY A 457 7.93 -14.56 21.39
CA GLY A 457 9.35 -14.44 21.68
C GLY A 457 10.21 -13.84 20.58
N GLU A 458 9.61 -13.28 19.51
CA GLU A 458 10.40 -12.71 18.43
C GLU A 458 9.96 -11.27 18.15
N GLU A 459 10.95 -10.42 17.87
CA GLU A 459 10.71 -8.99 17.65
C GLU A 459 9.91 -8.77 16.36
N ILE A 460 8.85 -7.95 16.45
CA ILE A 460 7.95 -7.66 15.31
C ILE A 460 7.94 -6.16 15.00
N LEU A 461 8.16 -5.36 16.05
CA LEU A 461 8.12 -3.91 16.00
C LEU A 461 9.36 -3.35 16.67
N SER A 462 9.94 -2.32 16.05
CA SER A 462 11.03 -1.57 16.67
C SER A 462 10.78 -0.09 16.49
N GLY A 463 11.04 0.70 17.54
CA GLY A 463 10.89 2.13 17.38
C GLY A 463 11.46 2.91 18.55
N SER A 464 11.22 4.23 18.52
CA SER A 464 11.71 5.05 19.61
C SER A 464 11.17 6.47 19.52
N GLN A 465 11.26 7.17 20.66
CA GLN A 465 11.31 8.63 20.66
C GLN A 465 12.50 9.08 19.82
N ARG A 466 12.28 10.09 18.98
CA ARG A 466 13.34 10.59 18.12
C ARG A 466 13.97 11.84 18.72
N ILE A 467 15.27 12.02 18.42
CA ILE A 467 15.90 13.31 18.69
C ILE A 467 15.23 14.36 17.82
N SER A 468 14.60 15.35 18.45
CA SER A 468 13.92 16.41 17.74
C SER A 468 14.57 17.78 17.99
N ASP A 469 15.85 17.78 18.35
CA ASP A 469 16.65 18.99 18.51
C ASP A 469 17.81 18.88 17.56
N VAL A 470 17.94 19.84 16.63
CA VAL A 470 18.88 19.68 15.52
C VAL A 470 20.31 19.59 16.04
N ASN A 471 20.62 20.31 17.12
CA ASN A 471 21.98 20.30 17.67
C ASN A 471 22.28 19.00 18.40
N LEU A 472 21.32 18.49 19.18
CA LEU A 472 21.51 17.17 19.79
C LEU A 472 21.65 16.10 18.71
N LEU A 473 20.89 16.22 17.62
CA LEU A 473 20.98 15.25 16.53
C LEU A 473 22.37 15.28 15.90
N LEU A 474 22.91 16.47 15.62
CA LEU A 474 24.27 16.54 15.10
C LEU A 474 25.28 15.93 16.06
N GLU A 475 25.12 16.21 17.36
CA GLU A 475 26.01 15.60 18.35
C GLU A 475 25.94 14.09 18.30
N ASN A 476 24.73 13.53 18.21
CA ASN A 476 24.61 12.07 18.22
C ASN A 476 25.12 11.44 16.93
N ILE A 477 24.97 12.14 15.80
CA ILE A 477 25.53 11.64 14.56
C ILE A 477 27.06 11.59 14.64
N LYS A 478 27.68 12.63 15.21
CA LYS A 478 29.12 12.57 15.41
C LYS A 478 29.50 11.50 16.44
N ARG A 479 28.66 11.32 17.46
CA ARG A 479 28.88 10.29 18.48
C ARG A 479 28.93 8.91 17.85
N PHE A 480 28.17 8.68 16.79
CA PHE A 480 28.11 7.40 16.10
C PHE A 480 29.08 7.32 14.93
N ASN A 481 29.93 8.33 14.75
CA ASN A 481 30.90 8.36 13.64
C ASN A 481 30.21 8.22 12.29
N LEU A 482 29.07 8.89 12.14
CA LEU A 482 28.36 8.91 10.87
C LEU A 482 28.70 10.18 10.11
N ASP A 483 28.47 10.14 8.79
CA ASP A 483 28.83 11.24 7.92
C ASP A 483 27.64 12.17 7.81
N ALA A 484 27.73 13.33 8.45
CA ALA A 484 26.62 14.28 8.41
C ALA A 484 26.38 14.81 7.01
N ASN A 485 27.43 14.86 6.17
CA ASN A 485 27.26 15.35 4.81
C ASN A 485 26.36 14.43 3.99
N LYS A 486 26.37 13.13 4.29
CA LYS A 486 25.46 12.20 3.64
C LYS A 486 24.05 12.25 4.22
N LEU A 487 23.81 13.07 5.25
CA LEU A 487 22.51 13.16 5.89
C LEU A 487 21.98 14.59 5.91
N ASN A 488 22.65 15.51 5.20
CA ASN A 488 22.33 16.94 5.28
C ASN A 488 20.82 17.20 5.12
N PHE A 489 20.21 16.64 4.08
CA PHE A 489 18.79 16.90 3.83
C PHE A 489 17.95 16.51 5.04
N TYR A 490 18.22 15.34 5.60
CA TYR A 490 17.50 14.90 6.78
C TYR A 490 17.78 15.83 7.95
N ILE A 491 19.05 16.13 8.20
CA ILE A 491 19.38 17.02 9.31
C ILE A 491 18.72 18.37 9.08
N ASP A 492 18.67 18.81 7.82
CA ASP A 492 18.20 20.16 7.62
C ASP A 492 16.70 20.25 7.86
N SER A 493 16.00 19.10 7.81
CA SER A 493 14.57 19.15 8.11
C SER A 493 14.29 19.43 9.58
N PHE A 494 15.29 19.38 10.46
CA PHE A 494 15.09 19.71 11.87
C PHE A 494 15.46 21.14 12.22
N ALA A 495 15.98 21.91 11.26
CA ALA A 495 16.55 23.23 11.56
C ALA A 495 15.52 24.35 11.57
N TYR A 496 14.24 24.06 11.28
CA TYR A 496 13.22 25.10 11.32
C TYR A 496 12.11 24.64 12.26
N SER A 497 12.53 24.19 13.44
CA SER A 497 11.71 23.65 14.52
C SER A 497 11.34 22.21 14.24
N SER A 498 11.08 21.45 15.29
CA SER A 498 10.71 20.05 15.16
C SER A 498 9.77 19.70 16.30
N TYR A 499 8.66 19.07 15.96
CA TYR A 499 7.72 18.60 16.95
C TYR A 499 8.30 17.39 17.68
N PRO A 500 8.00 17.23 18.96
CA PRO A 500 8.36 15.97 19.64
C PRO A 500 7.63 14.82 18.97
N HIS A 501 8.38 13.78 18.62
CA HIS A 501 7.77 12.72 17.86
C HIS A 501 8.46 11.39 18.13
N SER A 502 7.79 10.33 17.69
CA SER A 502 8.26 8.97 17.87
C SER A 502 7.79 8.17 16.66
N GLY A 503 8.29 6.96 16.55
CA GLY A 503 7.74 6.08 15.52
C GLY A 503 8.17 4.64 15.69
N CYS A 504 7.80 3.84 14.68
CA CYS A 504 8.08 2.40 14.70
C CYS A 504 8.00 1.82 13.29
N GLY A 505 8.70 0.71 13.10
CA GLY A 505 8.63 -0.08 11.89
C GLY A 505 8.31 -1.53 12.22
N ILE A 506 7.49 -2.14 11.37
CA ILE A 506 6.89 -3.46 11.60
C ILE A 506 7.08 -4.33 10.37
N GLY A 507 7.56 -5.57 10.57
CA GLY A 507 7.56 -6.46 9.42
C GLY A 507 6.21 -7.15 9.14
N LEU A 508 5.59 -6.93 7.95
CA LEU A 508 4.25 -7.47 7.70
C LEU A 508 4.24 -9.00 7.68
N GLU A 509 5.06 -9.58 6.81
CA GLU A 509 5.12 -11.04 6.67
C GLU A 509 5.51 -11.69 7.99
N ARG A 510 6.37 -11.02 8.77
CA ARG A 510 6.78 -11.59 10.05
C ARG A 510 5.64 -11.56 11.06
N VAL A 511 4.86 -10.48 11.10
CA VAL A 511 3.70 -10.48 11.99
C VAL A 511 2.77 -11.64 11.65
N LEU A 512 2.52 -11.87 10.36
CA LEU A 512 1.64 -12.97 9.98
C LEU A 512 2.23 -14.33 10.36
N MET A 513 3.52 -14.54 10.05
CA MET A 513 4.21 -15.77 10.39
C MET A 513 4.08 -16.08 11.88
N LEU A 514 4.36 -15.09 12.73
CA LEU A 514 4.38 -15.33 14.16
C LEU A 514 2.98 -15.49 14.72
N PHE A 515 2.00 -14.73 14.20
CA PHE A 515 0.63 -14.91 14.65
C PHE A 515 0.18 -16.35 14.41
N LEU A 516 0.48 -16.89 13.21
CA LEU A 516 0.06 -18.26 12.92
C LEU A 516 1.05 -19.32 13.42
N GLY A 517 2.21 -18.92 13.95
CA GLY A 517 3.16 -19.92 14.39
C GLY A 517 3.82 -20.67 13.26
N LEU A 518 3.79 -20.13 12.05
CA LEU A 518 4.41 -20.80 10.91
C LEU A 518 5.93 -20.84 11.10
N ASN A 519 6.56 -21.83 10.45
CA ASN A 519 7.96 -22.13 10.74
C ASN A 519 8.94 -21.38 9.86
N ASN A 520 8.48 -20.62 8.86
CA ASN A 520 9.40 -20.03 7.90
C ASN A 520 8.76 -18.82 7.24
N ILE A 521 9.49 -17.72 7.17
CA ILE A 521 8.99 -16.49 6.57
C ILE A 521 8.62 -16.66 5.10
N ARG A 522 9.19 -17.65 4.42
CA ARG A 522 8.81 -17.86 3.02
C ARG A 522 7.36 -18.34 2.87
N LYS A 523 6.69 -18.75 3.96
CA LYS A 523 5.29 -19.11 3.87
C LYS A 523 4.35 -17.90 3.87
N THR A 524 4.82 -16.71 4.25
CA THR A 524 3.97 -15.53 4.31
C THR A 524 4.43 -14.38 3.40
N SER A 525 5.34 -14.64 2.48
CA SER A 525 5.69 -13.74 1.39
C SER A 525 5.36 -14.43 0.08
N LEU A 526 4.65 -13.74 -0.83
CA LEU A 526 4.09 -14.41 -2.01
C LEU A 526 5.16 -15.03 -2.89
N PHE A 527 6.16 -14.24 -3.25
CA PHE A 527 7.24 -14.71 -4.11
C PHE A 527 8.52 -14.30 -3.37
N PRO A 528 8.98 -15.14 -2.43
CA PRO A 528 10.04 -14.72 -1.51
C PRO A 528 11.35 -14.38 -2.22
N ARG A 529 12.04 -13.39 -1.68
CA ARG A 529 13.39 -13.01 -2.10
C ARG A 529 14.36 -13.34 -0.97
N ASP A 530 15.34 -14.19 -1.25
CA ASP A 530 16.39 -14.40 -0.27
C ASP A 530 17.70 -14.48 -1.04
N PRO A 531 18.87 -14.54 -0.37
CA PRO A 531 20.13 -14.43 -1.13
C PRO A 531 20.30 -15.50 -2.19
N LYS A 532 19.60 -16.62 -2.09
CA LYS A 532 19.71 -17.71 -3.04
C LYS A 532 18.47 -17.85 -3.92
N ARG A 533 17.53 -16.90 -3.86
CA ARG A 533 16.29 -16.99 -4.61
C ARG A 533 15.92 -15.63 -5.19
N LEU A 534 16.06 -15.48 -6.50
CA LEU A 534 15.58 -14.32 -7.22
C LEU A 534 14.38 -14.65 -8.12
N ILE A 535 14.01 -15.92 -8.21
CA ILE A 535 12.95 -16.40 -9.09
C ILE A 535 11.95 -17.24 -8.30
N PRO A 536 10.68 -17.33 -8.72
CA PRO A 536 10.00 -16.53 -9.73
C PRO A 536 9.92 -15.05 -9.35
N ASN B 5 26.94 49.10 30.82
CA ASN B 5 26.17 48.60 29.69
C ASN B 5 25.08 47.61 30.12
N LEU B 6 23.83 48.03 29.99
CA LEU B 6 22.67 47.24 30.40
C LEU B 6 22.10 46.38 29.28
N LYS B 7 22.84 46.22 28.17
CA LYS B 7 22.33 45.39 27.09
C LYS B 7 22.42 43.90 27.42
N ASN B 8 23.33 43.52 28.31
CA ASN B 8 23.46 42.11 28.66
C ASN B 8 22.21 41.62 29.39
N GLU B 9 21.64 42.44 30.27
CA GLU B 9 20.40 42.08 30.94
C GLU B 9 19.24 41.98 29.94
N ALA B 10 19.31 42.72 28.83
CA ALA B 10 18.27 42.64 27.81
C ALA B 10 18.40 41.38 26.97
N THR B 11 19.62 41.01 26.60
CA THR B 11 19.81 39.75 25.89
C THR B 11 19.44 38.56 26.77
N LYS B 12 19.70 38.66 28.08
CA LYS B 12 19.28 37.61 29.01
C LYS B 12 17.75 37.46 29.00
N VAL B 13 17.02 38.53 28.69
CA VAL B 13 15.58 38.43 28.54
C VAL B 13 15.21 37.80 27.20
N LEU B 14 15.91 38.17 26.13
CA LEU B 14 15.58 37.61 24.81
C LEU B 14 15.84 36.11 24.76
N GLU B 15 16.93 35.65 25.37
CA GLU B 15 17.26 34.24 25.37
C GLU B 15 16.77 33.53 26.63
N HIS B 16 15.77 34.10 27.25
CA HIS B 16 15.28 33.55 28.48
C HIS B 16 14.77 32.13 28.47
N VAL B 17 15.24 31.34 29.41
CA VAL B 17 14.83 29.98 29.55
C VAL B 17 13.97 29.90 30.77
N CYS B 18 12.70 29.60 30.61
CA CYS B 18 11.83 29.48 31.76
C CYS B 18 12.25 28.29 32.59
N GLU B 19 12.15 28.39 33.90
CA GLU B 19 12.56 27.28 34.74
C GLU B 19 11.42 26.73 35.58
N ASP B 20 10.35 27.48 35.68
CA ASP B 20 9.18 26.99 36.36
C ASP B 20 7.96 27.61 35.74
N ILE B 21 7.16 26.81 35.07
CA ILE B 21 5.98 27.33 34.41
C ILE B 21 4.93 27.90 35.34
N ASN B 22 4.79 27.33 36.52
CA ASN B 22 3.79 27.83 37.44
C ASN B 22 4.03 29.26 37.86
N LYS B 23 5.29 29.57 38.10
CA LYS B 23 5.68 30.87 38.56
C LYS B 23 6.09 31.81 37.46
N GLU B 24 5.92 31.40 36.22
CA GLU B 24 6.33 32.25 35.15
C GLU B 24 5.30 32.34 34.04
N SER B 25 5.60 33.12 33.01
CA SER B 25 4.64 33.22 31.92
C SER B 25 5.25 33.18 30.52
N TYR B 26 6.56 33.07 30.38
CA TYR B 26 7.18 33.02 29.07
C TYR B 26 8.58 32.41 29.20
N GLY B 27 9.18 32.14 28.04
CA GLY B 27 10.53 31.60 28.00
C GLY B 27 10.62 30.29 27.22
N PHE B 28 11.82 29.98 26.73
CA PHE B 28 12.08 28.64 26.19
C PHE B 28 12.06 27.64 27.33
N VAL B 29 11.49 26.47 27.05
CA VAL B 29 11.27 25.48 28.10
C VAL B 29 11.47 24.10 27.50
N LYS B 30 12.20 23.24 28.20
CA LYS B 30 12.31 21.85 27.78
C LYS B 30 11.02 21.11 28.12
N ILE B 31 10.70 20.11 27.29
CA ILE B 31 9.38 19.49 27.37
C ILE B 31 9.15 18.86 28.73
N SER B 32 10.21 18.36 29.37
CA SER B 32 10.06 17.77 30.70
C SER B 32 9.60 18.81 31.72
N LYS B 33 10.10 20.04 31.61
CA LYS B 33 9.72 21.09 32.56
C LYS B 33 8.26 21.49 32.44
N MET B 34 7.52 21.00 31.46
CA MET B 34 6.15 21.44 31.24
C MET B 34 5.20 20.64 32.14
N LYS B 35 5.07 21.10 33.39
CA LYS B 35 4.22 20.47 34.40
C LYS B 35 3.47 21.57 35.15
N GLU B 36 2.25 21.87 34.69
CA GLU B 36 1.42 22.90 35.32
C GLU B 36 0.73 22.29 36.54
N ASN B 37 1.48 22.26 37.64
CA ASN B 37 1.01 21.68 38.91
C ASN B 37 0.52 20.25 38.74
N GLU B 40 -2.28 17.44 34.97
CA GLU B 40 -1.56 17.57 33.72
C GLU B 40 -2.26 18.56 32.79
N ILE B 41 -1.62 18.87 31.66
CA ILE B 41 -2.08 19.89 30.73
C ILE B 41 -2.96 19.26 29.67
N ARG B 42 -4.09 19.91 29.37
CA ARG B 42 -4.97 19.50 28.28
C ARG B 42 -4.58 20.26 27.02
N LEU B 43 -3.74 19.63 26.18
CA LEU B 43 -3.16 20.31 25.03
C LEU B 43 -4.03 20.10 23.81
N PHE B 44 -4.44 21.20 23.18
CA PHE B 44 -5.26 21.20 21.98
C PHE B 44 -4.43 21.54 20.74
N ASN B 45 -4.83 21.01 19.60
CA ASN B 45 -4.29 21.46 18.33
C ASN B 45 -5.35 22.24 17.57
N LEU B 46 -4.90 23.02 16.57
CA LEU B 46 -5.81 23.91 15.85
C LEU B 46 -6.84 23.15 15.03
N GLU B 47 -6.56 21.91 14.63
CA GLU B 47 -7.57 21.13 13.91
C GLU B 47 -8.76 20.81 14.81
N GLU B 48 -8.48 20.36 16.05
CA GLU B 48 -9.54 20.11 17.01
C GLU B 48 -10.36 21.37 17.27
N ILE B 49 -9.67 22.51 17.43
CA ILE B 49 -10.36 23.77 17.69
C ILE B 49 -11.25 24.13 16.50
N TYR B 50 -10.70 24.05 15.28
CA TYR B 50 -11.49 24.35 14.11
C TYR B 50 -12.75 23.50 14.06
N HIS B 51 -12.60 22.20 14.27
CA HIS B 51 -13.75 21.32 14.14
C HIS B 51 -14.76 21.48 15.29
N SER B 52 -14.31 21.85 16.49
CA SER B 52 -15.27 22.07 17.57
C SER B 52 -15.99 23.39 17.40
N LEU B 53 -15.33 24.41 16.86
CA LEU B 53 -15.94 25.72 16.73
C LEU B 53 -16.68 25.93 15.41
N MET B 54 -16.30 25.22 14.34
CA MET B 54 -16.93 25.44 13.04
C MET B 54 -17.61 24.17 12.53
N HIS B 84 -17.66 24.80 24.83
CA HIS B 84 -16.86 23.94 25.69
C HIS B 84 -15.46 24.50 25.87
N LEU B 85 -14.76 24.72 24.74
CA LEU B 85 -13.46 25.37 24.71
C LEU B 85 -13.51 26.82 25.17
N LEU B 86 -14.70 27.37 25.39
CA LEU B 86 -14.86 28.81 25.62
C LEU B 86 -15.21 29.15 27.06
N GLN B 87 -15.36 28.15 27.94
CA GLN B 87 -15.70 28.44 29.33
C GLN B 87 -14.51 28.96 30.11
N SER B 88 -13.29 28.57 29.73
CA SER B 88 -12.10 28.97 30.48
C SER B 88 -10.89 29.01 29.55
N ASP B 89 -9.71 29.23 30.14
CA ASP B 89 -8.46 29.21 29.40
C ASP B 89 -8.16 27.79 28.92
N ILE B 90 -7.47 27.69 27.79
CA ILE B 90 -7.06 26.41 27.23
C ILE B 90 -5.61 26.52 26.76
N TRP B 91 -5.00 25.36 26.54
CA TRP B 91 -3.66 25.27 25.97
C TRP B 91 -3.76 24.82 24.52
N VAL B 92 -2.94 25.44 23.67
CA VAL B 92 -2.86 25.07 22.26
C VAL B 92 -1.41 25.17 21.81
N ARG B 93 -0.98 24.22 20.99
CA ARG B 93 0.35 24.18 20.44
C ARG B 93 0.30 24.50 18.95
N GLY B 94 1.33 25.19 18.46
CA GLY B 94 1.35 25.47 17.03
C GLY B 94 2.63 26.11 16.58
N ARG B 95 2.74 26.31 15.26
CA ARG B 95 3.88 27.00 14.68
C ARG B 95 3.56 28.47 14.48
N ILE B 96 4.55 29.33 14.71
CA ILE B 96 4.40 30.76 14.50
C ILE B 96 4.55 31.00 13.00
N HIS B 97 3.42 31.19 12.32
CA HIS B 97 3.39 31.44 10.88
C HIS B 97 3.67 32.90 10.56
N ASP B 98 3.18 33.81 11.40
CA ASP B 98 3.44 35.22 11.22
C ASP B 98 3.47 35.86 12.60
N ILE B 99 4.28 36.90 12.74
CA ILE B 99 4.42 37.60 14.00
C ILE B 99 4.50 39.09 13.71
N ARG B 100 3.65 39.86 14.38
CA ARG B 100 3.52 41.31 14.15
C ARG B 100 3.56 42.02 15.47
N SER B 101 4.51 42.95 15.65
CA SER B 101 4.62 43.68 16.91
C SER B 101 4.76 45.21 16.87
N LYS B 102 3.91 45.90 17.61
CA LYS B 102 4.03 47.36 17.74
C LYS B 102 3.49 47.84 19.09
N GLY B 103 4.25 48.68 19.77
CA GLY B 103 3.81 49.17 21.06
C GLY B 103 3.59 48.09 22.07
N SER B 104 2.40 48.06 22.66
CA SER B 104 2.07 47.08 23.67
C SER B 104 1.21 45.91 23.14
N LEU B 105 1.03 45.84 21.83
CA LEU B 105 0.25 44.77 21.23
C LEU B 105 1.08 43.89 20.29
N ALA B 106 0.83 42.59 20.33
CA ALA B 106 1.55 41.62 19.51
C ALA B 106 0.57 40.63 18.90
N PHE B 107 0.73 40.37 17.60
CA PHE B 107 -0.17 39.47 16.88
C PHE B 107 0.62 38.29 16.33
N ILE B 108 0.23 37.09 16.73
CA ILE B 108 0.81 35.85 16.23
C ILE B 108 -0.25 35.12 15.43
N ILE B 109 0.09 34.70 14.23
CA ILE B 109 -0.77 33.77 13.52
C ILE B 109 -0.18 32.38 13.73
N LEU B 110 -0.96 31.51 14.37
CA LEU B 110 -0.55 30.18 14.75
C LEU B 110 -1.11 29.20 13.73
N ARG B 111 -0.28 28.23 13.33
CA ARG B 111 -0.59 27.37 12.20
C ARG B 111 -0.41 25.91 12.59
N HIS B 112 -1.29 25.06 12.03
CA HIS B 112 -1.24 23.60 12.15
C HIS B 112 -2.00 23.05 10.95
N LYS B 113 -1.32 22.26 10.11
CA LYS B 113 -1.90 21.70 8.89
C LYS B 113 -2.43 22.84 8.04
N LEU B 114 -3.71 22.86 7.66
CA LEU B 114 -4.25 23.96 6.88
C LEU B 114 -5.07 24.93 7.74
N TYR B 115 -4.93 24.85 9.06
CA TYR B 115 -5.67 25.67 10.00
C TYR B 115 -4.77 26.73 10.62
N SER B 116 -5.31 27.93 10.78
CA SER B 116 -4.57 29.01 11.41
C SER B 116 -5.52 29.83 12.27
N MET B 117 -4.95 30.44 13.32
CA MET B 117 -5.71 31.19 14.29
C MET B 117 -4.85 32.32 14.83
N GLN B 118 -5.45 33.50 15.03
CA GLN B 118 -4.72 34.66 15.52
C GLN B 118 -4.73 34.70 17.04
N CYS B 119 -3.55 34.85 17.63
CA CYS B 119 -3.37 34.99 19.07
C CYS B 119 -2.81 36.37 19.38
N ILE B 120 -3.27 36.96 20.48
CA ILE B 120 -3.04 38.36 20.81
C ILE B 120 -2.31 38.44 22.14
N LEU B 121 -1.16 39.13 22.14
CA LEU B 121 -0.43 39.44 23.37
C LEU B 121 -0.67 40.92 23.67
N ASP B 122 -1.36 41.19 24.77
CA ASP B 122 -1.61 42.55 25.19
C ASP B 122 -0.96 42.70 26.54
N ILE B 123 0.04 43.55 26.62
CA ILE B 123 0.81 43.75 27.86
C ILE B 123 0.00 44.21 29.06
N LYS B 124 -1.07 44.96 28.83
CA LYS B 124 -1.96 45.49 29.86
C LYS B 124 -2.58 44.39 30.71
N HIS B 125 -2.88 43.24 30.14
CA HIS B 125 -3.43 42.13 30.91
C HIS B 125 -2.34 41.22 31.46
N ASN B 126 -1.08 41.58 31.27
CA ASN B 126 0.05 40.81 31.76
C ASN B 126 0.98 41.54 32.72
N ASP B 127 0.41 42.42 33.54
CA ASP B 127 1.14 43.24 34.51
C ASP B 127 2.15 44.19 33.87
N ASN B 128 1.83 44.66 32.67
CA ASN B 128 2.68 45.57 31.93
C ASN B 128 4.11 45.14 31.78
N ASP B 129 4.34 43.86 31.50
CA ASP B 129 5.70 43.42 31.35
C ASP B 129 6.15 43.73 29.96
N LYS B 130 7.31 44.34 29.86
CA LYS B 130 7.90 44.66 28.57
C LYS B 130 8.94 43.62 28.16
N ASN B 131 9.55 42.94 29.14
CA ASN B 131 10.43 41.82 28.84
C ASN B 131 9.68 40.74 28.10
N MET B 132 8.45 40.45 28.52
CA MET B 132 7.64 39.45 27.83
C MET B 132 7.40 39.85 26.38
N MET B 133 7.05 41.12 26.16
CA MET B 133 6.83 41.62 24.81
C MET B 133 8.08 41.49 23.96
N LYS B 134 9.24 41.85 24.52
CA LYS B 134 10.49 41.74 23.79
C LYS B 134 10.77 40.29 23.42
N TRP B 135 10.66 39.39 24.40
CA TRP B 135 10.96 37.97 24.16
C TRP B 135 10.02 37.38 23.11
N VAL B 136 8.73 37.67 23.20
CA VAL B 136 7.77 37.12 22.25
C VAL B 136 8.03 37.68 20.86
N SER B 137 8.30 38.99 20.77
CA SER B 137 8.53 39.62 19.46
C SER B 137 9.83 39.17 18.82
N ASN B 138 10.77 38.64 19.59
CA ASN B 138 12.01 38.14 19.01
C ASN B 138 11.92 36.67 18.54
N LEU B 139 10.79 36.01 18.69
CA LEU B 139 10.71 34.60 18.32
C LEU B 139 10.80 34.45 16.80
N PRO B 140 11.66 33.57 16.29
CA PRO B 140 11.73 33.35 14.83
C PRO B 140 10.46 32.69 14.31
N LEU B 141 10.13 32.98 13.06
CA LEU B 141 9.00 32.32 12.43
C LEU B 141 9.29 30.81 12.30
N GLU B 142 8.23 30.03 12.42
CA GLU B 142 8.17 28.55 12.41
C GLU B 142 8.45 27.94 13.78
N SER B 143 8.77 28.74 14.81
CA SER B 143 8.99 28.17 16.13
C SER B 143 7.70 27.54 16.67
N ILE B 144 7.85 26.45 17.40
CA ILE B 144 6.71 25.73 17.95
C ILE B 144 6.51 26.20 19.39
N VAL B 145 5.30 26.67 19.69
CA VAL B 145 4.97 27.25 20.99
C VAL B 145 3.74 26.57 21.58
N ASP B 146 3.71 26.56 22.92
CA ASP B 146 2.53 26.21 23.71
C ASP B 146 1.97 27.49 24.32
N ILE B 147 0.71 27.78 24.02
CA ILE B 147 0.05 29.01 24.47
C ILE B 147 -1.09 28.61 25.40
N LYS B 148 -1.18 29.29 26.54
CA LYS B 148 -2.35 29.24 27.41
C LYS B 148 -3.11 30.54 27.21
N GLY B 149 -4.38 30.44 26.85
CA GLY B 149 -5.10 31.65 26.53
C GLY B 149 -6.60 31.44 26.55
N LYS B 150 -7.31 32.55 26.39
CA LYS B 150 -8.76 32.56 26.38
C LYS B 150 -9.27 32.78 24.96
N LEU B 151 -10.22 31.93 24.55
CA LEU B 151 -10.80 32.00 23.21
C LEU B 151 -12.04 32.90 23.21
N SER B 152 -12.04 33.90 22.32
CA SER B 152 -13.19 34.78 22.16
C SER B 152 -13.43 35.04 20.68
N LYS B 153 -14.69 35.31 20.33
CA LYS B 153 -15.05 35.60 18.95
C LYS B 153 -15.01 37.11 18.74
N PRO B 154 -14.07 37.63 17.96
CA PRO B 154 -13.98 39.09 17.80
C PRO B 154 -15.07 39.61 16.89
N GLU B 155 -15.25 40.94 16.93
CA GLU B 155 -16.25 41.58 16.08
C GLU B 155 -15.96 41.34 14.61
N VAL B 156 -14.74 41.67 14.19
CA VAL B 156 -14.31 41.48 12.81
C VAL B 156 -13.12 40.52 12.80
N PRO B 157 -13.33 39.26 12.42
CA PRO B 157 -12.22 38.29 12.39
C PRO B 157 -11.34 38.48 11.16
N ILE B 158 -10.11 37.99 11.28
CA ILE B 158 -9.12 38.15 10.22
C ILE B 158 -9.53 37.31 9.02
N ASP B 159 -9.19 37.80 7.82
CA ASP B 159 -9.55 37.07 6.61
C ASP B 159 -8.67 35.85 6.40
N SER B 160 -7.43 35.90 6.88
CA SER B 160 -6.47 34.82 6.63
C SER B 160 -6.84 33.56 7.42
N THR B 161 -7.11 33.72 8.71
CA THR B 161 -7.32 32.57 9.59
C THR B 161 -8.67 31.92 9.31
N ASN B 162 -8.68 30.60 9.08
CA ASN B 162 -9.98 29.95 8.92
C ASN B 162 -10.61 29.60 10.26
N ILE B 163 -9.89 29.76 11.36
CA ILE B 163 -10.49 29.74 12.68
C ILE B 163 -10.81 31.20 13.04
N LYS B 164 -12.11 31.52 13.10
CA LYS B 164 -12.55 32.89 13.29
C LYS B 164 -12.65 33.28 14.76
N TYR B 165 -12.00 32.54 15.64
CA TYR B 165 -11.85 32.91 17.04
C TYR B 165 -10.43 33.36 17.28
N GLU B 166 -10.24 34.14 18.34
CA GLU B 166 -8.94 34.65 18.73
C GLU B 166 -8.59 34.14 20.11
N ALA B 167 -7.29 34.00 20.36
CA ALA B 167 -6.78 33.54 21.63
C ALA B 167 -6.02 34.69 22.27
N HIS B 168 -6.46 35.11 23.44
CA HIS B 168 -5.74 36.11 24.21
C HIS B 168 -4.75 35.40 25.12
N ILE B 169 -3.49 35.80 25.03
CA ILE B 169 -2.37 35.00 25.51
C ILE B 169 -2.21 35.23 27.01
N ARG B 170 -2.59 34.23 27.81
CA ARG B 170 -2.29 34.27 29.23
C ARG B 170 -0.85 33.85 29.50
N LYS B 171 -0.32 32.91 28.71
CA LYS B 171 1.06 32.45 28.79
C LYS B 171 1.48 31.95 27.42
N ILE B 172 2.78 32.01 27.14
CA ILE B 172 3.33 31.44 25.92
C ILE B 172 4.76 30.97 26.16
N PHE B 173 5.02 29.70 25.88
CA PHE B 173 6.34 29.11 25.99
C PHE B 173 6.74 28.52 24.65
N CYS B 174 8.04 28.48 24.39
CA CYS B 174 8.54 27.96 23.11
C CYS B 174 9.28 26.65 23.36
N ILE B 175 8.77 25.56 22.78
CA ILE B 175 9.39 24.25 22.99
C ILE B 175 10.37 23.88 21.89
N SER B 176 10.29 24.51 20.72
CA SER B 176 11.24 24.27 19.65
C SER B 176 11.44 25.57 18.88
N LYS B 177 12.64 26.10 18.95
CA LYS B 177 12.96 27.38 18.33
C LYS B 177 13.62 27.11 16.99
N THR B 178 13.09 27.77 15.94
CA THR B 178 13.76 27.73 14.64
C THR B 178 15.23 28.08 14.81
N ALA B 179 16.11 27.23 14.30
CA ALA B 179 17.54 27.44 14.51
C ALA B 179 18.21 28.20 13.37
N LYS B 180 17.60 28.22 12.19
CA LYS B 180 18.25 28.65 10.97
C LYS B 180 17.27 29.48 10.16
N GLU B 181 17.80 30.47 9.43
CA GLU B 181 16.98 31.26 8.54
C GLU B 181 16.34 30.37 7.46
N LEU B 182 15.07 30.62 7.17
CA LEU B 182 14.37 29.79 6.21
C LEU B 182 14.93 30.00 4.80
N PRO B 183 14.88 28.97 3.95
CA PRO B 183 15.36 29.15 2.58
C PRO B 183 14.51 30.10 1.76
N PHE B 184 13.25 30.28 2.16
CA PHE B 184 12.35 31.27 1.60
C PHE B 184 11.25 31.47 2.63
N LEU B 185 10.46 32.52 2.45
CA LEU B 185 9.38 32.83 3.37
C LEU B 185 8.12 32.07 2.99
N LEU B 186 7.44 31.51 3.99
CA LEU B 186 6.16 30.83 3.71
C LEU B 186 5.14 31.78 3.11
N LYS B 187 5.22 33.07 3.43
CA LYS B 187 4.33 34.04 2.79
C LYS B 187 4.57 34.08 1.29
N ASP B 188 5.84 34.03 0.89
CA ASP B 188 6.16 33.99 -0.53
C ASP B 188 5.76 32.66 -1.16
N ALA B 189 5.98 31.55 -0.44
CA ALA B 189 5.72 30.23 -1.02
C ALA B 189 4.23 29.95 -1.18
N ASN B 190 3.39 30.57 -0.35
CA ASN B 190 1.95 30.37 -0.40
C ASN B 190 1.25 31.19 -1.47
N MET B 191 1.89 32.24 -1.98
CA MET B 191 1.19 33.20 -2.84
C MET B 191 0.99 32.65 -4.23
N LYS B 192 -0.14 33.00 -4.83
CA LYS B 192 -0.40 32.64 -6.22
C LYS B 192 0.53 33.44 -7.11
N GLU B 193 1.10 32.77 -8.08
CA GLU B 193 2.07 33.38 -8.94
C GLU B 193 1.54 34.24 -10.06
N THR B 194 2.03 35.46 -10.10
CA THR B 194 1.72 36.39 -11.15
C THR B 194 2.98 36.43 -12.01
N ASN B 195 2.84 36.77 -13.27
CA ASN B 195 4.00 36.83 -14.12
C ASN B 195 4.57 38.23 -14.26
N GLU B 196 4.18 39.11 -13.34
CA GLU B 196 4.71 40.45 -13.29
C GLU B 196 6.19 40.40 -12.96
N GLU B 197 6.91 41.35 -13.51
CA GLU B 197 8.35 41.47 -13.30
C GLU B 197 8.63 41.83 -11.85
N GLY B 198 9.65 41.19 -11.28
CA GLY B 198 9.97 41.35 -9.88
C GLY B 198 8.97 40.75 -8.94
N SER B 199 8.00 39.99 -9.45
CA SER B 199 6.97 39.42 -8.61
C SER B 199 7.54 38.32 -7.73
N ILE B 200 6.84 38.06 -6.62
CA ILE B 200 7.19 36.99 -5.72
C ILE B 200 7.08 35.65 -6.45
N LYS B 201 8.16 34.87 -6.43
CA LYS B 201 8.17 33.59 -7.16
C LYS B 201 9.20 32.67 -6.49
N VAL B 202 8.74 31.58 -5.90
CA VAL B 202 9.65 30.59 -5.32
C VAL B 202 9.79 29.45 -6.32
N ASN B 203 10.98 29.32 -6.87
CA ASN B 203 11.28 28.33 -7.88
C ASN B 203 11.12 26.86 -7.52
N GLN B 204 10.76 26.07 -8.52
CA GLN B 204 10.56 24.63 -8.31
C GLN B 204 11.80 24.02 -7.76
N ASP B 205 12.92 24.44 -8.27
CA ASP B 205 14.20 23.95 -7.87
C ASP B 205 14.44 24.20 -6.41
N ASN B 206 14.11 25.39 -5.95
CA ASN B 206 14.33 25.75 -4.58
C ASN B 206 13.37 25.02 -3.67
N ARG B 207 12.11 24.98 -4.07
CA ARG B 207 11.10 24.23 -3.35
C ARG B 207 11.53 22.77 -3.15
N LEU B 208 11.96 22.10 -4.22
CA LEU B 208 12.23 20.67 -4.07
C LEU B 208 13.53 20.41 -3.31
N ASN B 209 14.46 21.34 -3.38
CA ASN B 209 15.69 21.22 -2.62
C ASN B 209 15.41 21.50 -1.17
N ASN B 210 14.28 22.10 -0.88
CA ASN B 210 13.92 22.41 0.47
C ASN B 210 12.53 21.89 0.76
N ARG B 211 12.25 20.70 0.27
CA ARG B 211 10.95 20.08 0.41
C ARG B 211 10.31 20.11 1.75
N CYS B 212 11.08 20.07 2.80
CA CYS B 212 10.49 20.04 4.14
C CYS B 212 9.91 21.39 4.55
N VAL B 213 10.39 22.49 3.96
CA VAL B 213 9.73 23.77 4.12
C VAL B 213 8.61 23.94 3.10
N ASP B 214 8.86 23.49 1.86
CA ASP B 214 7.86 23.63 0.80
C ASP B 214 6.54 22.96 1.15
N LEU B 215 6.60 21.83 1.86
CA LEU B 215 5.42 21.04 2.20
C LEU B 215 4.55 21.69 3.26
N ARG B 216 5.00 22.78 3.87
CA ARG B 216 4.22 23.51 4.88
C ARG B 216 3.25 24.52 4.27
N THR B 217 3.34 24.81 2.96
CA THR B 217 2.31 25.67 2.38
C THR B 217 0.96 24.97 2.47
N TYR B 218 -0.09 25.78 2.54
CA TYR B 218 -1.43 25.23 2.68
C TYR B 218 -1.80 24.34 1.50
N ALA B 219 -1.42 24.74 0.28
CA ALA B 219 -1.77 23.95 -0.90
C ALA B 219 -1.01 22.63 -0.94
N ASN B 220 0.26 22.62 -0.54
CA ASN B 220 1.03 21.38 -0.61
C ASN B 220 0.56 20.37 0.44
N TYR B 221 0.30 20.86 1.66
CA TYR B 221 -0.32 20.00 2.66
C TYR B 221 -1.61 19.41 2.12
N SER B 222 -2.46 20.26 1.53
CA SER B 222 -3.73 19.78 1.04
C SER B 222 -3.55 18.75 -0.08
N ILE B 223 -2.59 18.99 -0.97
CA ILE B 223 -2.31 18.04 -2.05
C ILE B 223 -2.03 16.66 -1.49
N PHE B 224 -1.21 16.59 -0.45
CA PHE B 224 -0.82 15.25 -0.01
C PHE B 224 -1.85 14.58 0.91
N CYS B 225 -2.69 15.36 1.61
CA CYS B 225 -3.87 14.77 2.21
CA CYS B 225 -3.88 14.77 2.22
C CYS B 225 -4.78 14.18 1.14
N LEU B 226 -4.92 14.86 0.00
CA LEU B 226 -5.74 14.35 -1.09
C LEU B 226 -5.15 13.09 -1.73
N GLN B 227 -3.82 13.01 -1.82
CA GLN B 227 -3.20 11.78 -2.32
C GLN B 227 -3.54 10.61 -1.40
N SER B 228 -3.45 10.83 -0.08
CA SER B 228 -3.90 9.79 0.86
C SER B 228 -5.38 9.43 0.62
N GLN B 229 -6.23 10.44 0.48
CA GLN B 229 -7.66 10.20 0.21
C GLN B 229 -7.87 9.30 -1.02
N ILE B 230 -7.12 9.53 -2.10
CA ILE B 230 -7.27 8.68 -3.28
C ILE B 230 -6.89 7.24 -2.96
N CYS B 231 -5.76 7.03 -2.28
CA CYS B 231 -5.38 5.66 -1.90
C CYS B 231 -6.50 4.99 -1.10
N THR B 232 -7.04 5.70 -0.12
CA THR B 232 -8.09 5.14 0.74
C THR B 232 -9.33 4.78 -0.05
N ILE B 233 -9.82 5.70 -0.89
CA ILE B 233 -11.03 5.44 -1.68
C ILE B 233 -10.83 4.25 -2.60
N PHE B 234 -9.68 4.20 -3.29
CA PHE B 234 -9.36 3.10 -4.20
C PHE B 234 -9.36 1.75 -3.47
N LYS B 235 -8.58 1.66 -2.38
CA LYS B 235 -8.51 0.39 -1.66
C LYS B 235 -9.87 -0.03 -1.11
N ASN B 236 -10.65 0.92 -0.56
CA ASN B 236 -11.91 0.53 0.07
C ASN B 236 -12.96 0.13 -0.97
N PHE B 237 -12.98 0.80 -2.14
CA PHE B 237 -13.88 0.34 -3.20
C PHE B 237 -13.55 -1.12 -3.57
N LEU B 238 -12.26 -1.42 -3.74
CA LEU B 238 -11.94 -2.79 -4.15
C LEU B 238 -12.24 -3.79 -3.05
N LEU B 239 -11.83 -3.48 -1.81
CA LEU B 239 -12.14 -4.36 -0.68
C LEU B 239 -13.63 -4.62 -0.55
N GLU B 240 -14.47 -3.58 -0.68
CA GLU B 240 -15.90 -3.80 -0.62
C GLU B 240 -16.38 -4.65 -1.78
N ASN B 241 -15.57 -4.78 -2.84
CA ASN B 241 -15.93 -5.65 -3.95
C ASN B 241 -15.17 -6.98 -3.93
N ASN B 242 -14.70 -7.40 -2.76
CA ASN B 242 -14.17 -8.74 -2.53
C ASN B 242 -12.77 -8.93 -3.13
N PHE B 243 -11.99 -7.85 -3.26
CA PHE B 243 -10.58 -7.95 -3.63
C PHE B 243 -9.74 -8.25 -2.39
N ILE B 244 -8.58 -8.86 -2.62
CA ILE B 244 -7.54 -8.89 -1.59
C ILE B 244 -6.35 -8.11 -2.06
N GLU B 245 -5.63 -7.51 -1.11
CA GLU B 245 -4.39 -6.80 -1.42
C GLU B 245 -3.25 -7.80 -1.48
N ILE B 246 -2.39 -7.64 -2.50
CA ILE B 246 -1.19 -8.47 -2.63
C ILE B 246 0.04 -7.58 -2.63
N HIS B 247 1.19 -8.19 -2.32
CA HIS B 247 2.49 -7.52 -2.34
C HIS B 247 3.45 -8.44 -3.07
N THR B 248 3.96 -7.98 -4.21
CA THR B 248 4.79 -8.77 -5.09
C THR B 248 6.14 -8.10 -5.24
N PRO B 249 7.18 -8.84 -5.63
CA PRO B 249 8.55 -8.32 -5.50
C PRO B 249 8.89 -7.27 -6.55
N LYS B 250 9.76 -6.34 -6.14
CA LYS B 250 10.29 -5.33 -7.04
C LYS B 250 11.70 -5.67 -7.52
N LEU B 251 12.36 -6.63 -6.89
CA LEU B 251 13.63 -7.16 -7.37
C LEU B 251 13.35 -8.34 -8.29
N LEU B 252 13.75 -8.22 -9.55
CA LEU B 252 13.46 -9.19 -10.59
C LEU B 252 14.75 -9.82 -11.10
N GLY B 253 14.64 -11.07 -11.55
CA GLY B 253 15.74 -11.68 -12.27
C GLY B 253 15.82 -11.25 -13.71
N GLU B 254 14.71 -10.79 -14.27
CA GLU B 254 14.61 -10.43 -15.66
C GLU B 254 13.68 -9.23 -15.79
N SER B 255 13.87 -8.43 -16.82
CA SER B 255 13.04 -7.26 -17.00
C SER B 255 11.59 -7.60 -17.38
N SER B 256 10.64 -7.14 -16.56
CA SER B 256 9.22 -7.42 -16.80
C SER B 256 8.78 -6.80 -18.12
N GLU B 257 9.24 -5.57 -18.34
CA GLU B 257 8.97 -4.82 -19.55
C GLU B 257 10.25 -4.85 -20.39
N GLY B 258 10.40 -3.93 -21.32
CA GLY B 258 11.61 -3.92 -22.11
C GLY B 258 12.76 -3.64 -21.16
N GLY B 259 13.85 -4.39 -21.31
CA GLY B 259 15.01 -4.23 -20.44
C GLY B 259 15.78 -2.93 -20.54
N ALA B 260 15.56 -2.17 -21.60
CA ALA B 260 16.28 -0.94 -21.78
C ALA B 260 15.80 0.17 -20.87
N ASN B 261 14.59 0.04 -20.34
CA ASN B 261 14.09 1.08 -19.47
C ASN B 261 14.05 0.65 -18.01
N ALA B 262 14.80 -0.40 -17.66
CA ALA B 262 14.80 -0.93 -16.30
C ALA B 262 16.12 -0.60 -15.63
N PHE B 263 16.06 -0.26 -14.34
CA PHE B 263 17.26 -0.13 -13.54
C PHE B 263 17.86 -1.51 -13.24
N GLN B 264 19.17 -1.61 -13.31
CA GLN B 264 19.89 -2.84 -13.05
C GLN B 264 20.46 -2.86 -11.65
N ILE B 265 20.56 -4.02 -11.07
CA ILE B 265 21.19 -4.15 -9.77
C ILE B 265 21.92 -5.47 -9.69
N ASN B 266 22.94 -5.52 -8.86
CA ASN B 266 23.64 -6.75 -8.56
C ASN B 266 22.95 -7.42 -7.39
N TYR B 267 22.41 -8.60 -7.60
CA TYR B 267 21.76 -9.34 -6.55
C TYR B 267 22.60 -10.57 -6.26
N PHE B 268 23.52 -10.46 -5.31
CA PHE B 268 24.43 -11.54 -4.88
C PHE B 268 24.94 -12.38 -6.03
N ASN B 269 25.72 -11.75 -6.89
CA ASN B 269 26.30 -12.34 -8.10
C ASN B 269 25.33 -12.67 -9.23
N GLN B 270 24.11 -12.16 -9.16
CA GLN B 270 23.17 -12.35 -10.23
C GLN B 270 22.84 -11.00 -10.80
N LYS B 271 22.43 -10.99 -12.04
CA LYS B 271 21.97 -9.75 -12.69
C LYS B 271 20.48 -9.58 -12.42
N GLY B 272 20.10 -8.51 -11.72
CA GLY B 272 18.73 -8.23 -11.43
C GLY B 272 18.27 -6.88 -11.97
N PHE B 273 16.97 -6.64 -11.81
CA PHE B 273 16.33 -5.44 -12.31
C PHE B 273 15.24 -5.03 -11.34
N LEU B 274 14.94 -3.73 -11.32
CA LEU B 274 13.81 -3.22 -10.56
C LEU B 274 12.55 -3.30 -11.40
N ALA B 275 11.47 -3.68 -10.77
CA ALA B 275 10.21 -3.82 -11.47
C ALA B 275 9.64 -2.53 -12.00
N GLN B 276 9.21 -2.56 -13.24
CA GLN B 276 8.55 -1.44 -13.84
C GLN B 276 7.04 -1.54 -13.63
N SER B 277 6.58 -2.74 -13.32
CA SER B 277 5.18 -3.03 -13.12
C SER B 277 5.07 -4.36 -12.41
N PRO B 278 4.01 -4.60 -11.65
CA PRO B 278 3.87 -5.91 -11.05
C PRO B 278 3.03 -6.80 -11.95
N GLN B 279 2.93 -6.46 -13.22
CA GLN B 279 2.13 -7.15 -14.23
C GLN B 279 2.22 -8.68 -14.16
N LEU B 280 3.44 -9.21 -14.28
CA LEU B 280 3.61 -10.65 -14.35
C LEU B 280 3.10 -11.32 -13.08
N TYR B 281 3.36 -10.71 -11.92
CA TYR B 281 3.05 -11.35 -10.65
C TYR B 281 1.57 -11.30 -10.34
N LYS B 282 0.90 -10.19 -10.67
CA LYS B 282 -0.52 -10.14 -10.40
C LYS B 282 -1.26 -11.13 -11.29
N GLN B 283 -0.79 -11.33 -12.53
CA GLN B 283 -1.40 -12.38 -13.34
C GLN B 283 -1.09 -13.77 -12.75
N MET B 284 0.12 -13.97 -12.23
CA MET B 284 0.38 -15.28 -11.61
C MET B 284 -0.56 -15.52 -10.44
N CYS B 285 -0.90 -14.46 -9.69
CA CYS B 285 -1.86 -14.62 -8.59
C CYS B 285 -3.24 -14.98 -9.10
N ILE B 286 -3.66 -14.38 -10.22
CA ILE B 286 -4.95 -14.79 -10.80
C ILE B 286 -4.89 -16.24 -11.26
N ASN B 287 -3.79 -16.63 -11.88
CA ASN B 287 -3.58 -17.99 -12.31
C ASN B 287 -3.54 -18.94 -11.10
N SER B 288 -3.29 -18.41 -9.92
CA SER B 288 -3.27 -19.19 -8.71
C SER B 288 -4.61 -19.24 -8.04
N GLY B 289 -5.62 -18.62 -8.61
CA GLY B 289 -6.92 -18.61 -8.02
C GLY B 289 -7.32 -17.47 -7.10
N PHE B 290 -6.49 -16.44 -6.95
CA PHE B 290 -6.82 -15.31 -6.10
C PHE B 290 -8.04 -14.52 -6.52
N ASP B 291 -8.40 -14.62 -7.80
CA ASP B 291 -9.66 -14.14 -8.39
C ASP B 291 -9.75 -12.63 -8.56
N ARG B 292 -9.44 -11.86 -7.52
CA ARG B 292 -9.51 -10.39 -7.58
C ARG B 292 -8.42 -9.84 -6.69
N VAL B 293 -7.41 -9.18 -7.28
CA VAL B 293 -6.30 -8.65 -6.50
C VAL B 293 -6.00 -7.21 -6.89
N PHE B 294 -5.42 -6.48 -5.93
CA PHE B 294 -4.86 -5.17 -6.21
C PHE B 294 -3.55 -5.04 -5.44
N GLU B 295 -2.71 -4.12 -5.94
CA GLU B 295 -1.47 -3.76 -5.27
C GLU B 295 -1.32 -2.25 -5.35
N VAL B 296 -0.84 -1.65 -4.27
CA VAL B 296 -0.48 -0.23 -4.23
C VAL B 296 0.99 -0.19 -3.85
N ALA B 297 1.86 0.12 -4.80
CA ALA B 297 3.28 -0.09 -4.51
C ALA B 297 4.12 0.69 -5.49
N PRO B 298 5.39 0.94 -5.15
CA PRO B 298 6.29 1.63 -6.09
C PRO B 298 6.58 0.80 -7.33
N VAL B 299 6.84 1.53 -8.42
CA VAL B 299 7.46 1.02 -9.62
C VAL B 299 8.58 2.00 -10.00
N PHE B 300 9.53 1.48 -10.80
CA PHE B 300 10.76 2.19 -11.14
C PHE B 300 11.00 2.06 -12.63
N ARG B 301 11.27 3.19 -13.29
CA ARG B 301 11.55 3.15 -14.72
C ARG B 301 12.69 4.09 -15.05
N ALA B 302 13.55 3.65 -15.97
CA ALA B 302 14.85 4.24 -16.20
C ALA B 302 14.95 4.99 -17.53
N GLU B 303 13.83 5.51 -18.05
CA GLU B 303 13.90 6.38 -19.22
C GLU B 303 14.57 7.70 -18.85
N ASN B 304 15.50 8.15 -19.71
CA ASN B 304 16.13 9.45 -19.52
C ASN B 304 15.29 10.54 -20.17
N SER B 305 14.17 10.88 -19.53
CA SER B 305 13.30 11.97 -19.96
C SER B 305 13.10 12.96 -18.82
N ASN B 306 13.27 14.24 -19.11
CA ASN B 306 12.99 15.32 -18.16
C ASN B 306 11.81 16.11 -18.70
N THR B 307 10.59 15.73 -18.30
CA THR B 307 9.37 16.38 -18.71
C THR B 307 8.55 16.77 -17.49
N TYR B 308 7.46 17.49 -17.76
CA TYR B 308 6.53 17.90 -16.70
C TYR B 308 5.82 16.71 -16.05
N ARG B 309 5.84 15.54 -16.68
CA ARG B 309 5.03 14.44 -16.18
C ARG B 309 5.76 13.13 -15.94
N HIS B 310 7.06 13.02 -16.23
CA HIS B 310 7.75 11.76 -16.08
C HIS B 310 8.54 11.72 -14.77
N LEU B 311 8.38 10.62 -14.04
CA LEU B 311 9.17 10.34 -12.84
C LEU B 311 9.84 8.98 -13.00
N CYS B 312 11.05 8.84 -12.44
CA CYS B 312 11.76 7.57 -12.47
C CYS B 312 11.22 6.59 -11.45
N GLU B 313 10.55 7.09 -10.42
CA GLU B 313 9.91 6.24 -9.43
C GLU B 313 8.55 6.83 -9.10
N TYR B 314 7.53 5.99 -9.03
CA TYR B 314 6.23 6.51 -8.62
C TYR B 314 5.41 5.35 -8.05
N VAL B 315 4.19 5.65 -7.63
CA VAL B 315 3.32 4.65 -7.00
C VAL B 315 2.30 4.20 -8.03
N SER B 316 2.27 2.90 -8.31
CA SER B 316 1.31 2.30 -9.21
C SER B 316 0.18 1.67 -8.40
N LEU B 317 -1.06 1.96 -8.83
CA LEU B 317 -2.26 1.28 -8.36
C LEU B 317 -2.60 0.23 -9.41
N ASP B 318 -2.50 -1.04 -9.04
CA ASP B 318 -2.67 -2.14 -9.99
C ASP B 318 -3.85 -3.00 -9.59
N VAL B 319 -4.63 -3.40 -10.59
CA VAL B 319 -5.81 -4.25 -10.40
C VAL B 319 -5.71 -5.39 -11.41
N GLU B 320 -6.10 -6.60 -10.98
CA GLU B 320 -6.22 -7.75 -11.88
C GLU B 320 -7.37 -8.62 -11.36
N MET B 321 -8.19 -9.14 -12.27
CA MET B 321 -9.41 -9.83 -11.84
C MET B 321 -9.94 -10.69 -12.97
N THR B 322 -10.73 -11.70 -12.61
CA THR B 322 -11.36 -12.56 -13.60
C THR B 322 -12.65 -11.92 -14.11
N TYR B 323 -13.15 -12.46 -15.22
CA TYR B 323 -14.50 -12.14 -15.67
C TYR B 323 -15.21 -13.44 -16.05
N LYS B 324 -16.51 -13.35 -16.32
CA LYS B 324 -17.32 -14.53 -16.60
C LYS B 324 -17.28 -14.89 -18.08
N TYR B 325 -17.78 -13.99 -18.95
CA TYR B 325 -17.88 -14.28 -20.37
C TYR B 325 -17.32 -13.17 -21.26
N ASP B 326 -17.30 -11.92 -20.77
CA ASP B 326 -16.99 -10.76 -21.60
C ASP B 326 -16.06 -9.84 -20.80
N TYR B 327 -14.87 -9.53 -21.36
CA TYR B 327 -13.94 -8.67 -20.64
C TYR B 327 -14.53 -7.28 -20.35
N LEU B 328 -15.56 -6.86 -21.10
CA LEU B 328 -16.22 -5.59 -20.83
C LEU B 328 -16.86 -5.56 -19.44
N GLU B 329 -17.24 -6.72 -18.89
CA GLU B 329 -17.64 -6.76 -17.48
C GLU B 329 -16.63 -6.04 -16.60
N ASN B 330 -15.33 -6.32 -16.81
CA ASN B 330 -14.29 -5.69 -16.01
C ASN B 330 -14.13 -4.21 -16.36
N VAL B 331 -14.26 -3.86 -17.64
CA VAL B 331 -14.06 -2.47 -18.03
C VAL B 331 -15.07 -1.58 -17.35
N HIS B 332 -16.35 -1.97 -17.40
CA HIS B 332 -17.37 -1.23 -16.68
C HIS B 332 -17.07 -1.17 -15.20
N PHE B 333 -16.50 -2.24 -14.63
CA PHE B 333 -16.13 -2.19 -13.22
C PHE B 333 -15.02 -1.16 -12.99
N TYR B 334 -13.98 -1.15 -13.83
CA TYR B 334 -12.95 -0.13 -13.65
C TYR B 334 -13.55 1.26 -13.81
N ASP B 335 -14.50 1.41 -14.75
CA ASP B 335 -15.11 2.71 -14.95
C ASP B 335 -15.85 3.13 -13.68
N SER B 336 -16.60 2.18 -13.09
CA SER B 336 -17.35 2.54 -11.89
C SER B 336 -16.39 2.90 -10.75
N MET B 337 -15.24 2.24 -10.69
CA MET B 337 -14.23 2.59 -9.70
C MET B 337 -13.82 4.04 -9.85
N PHE B 338 -13.50 4.48 -11.07
CA PHE B 338 -13.06 5.88 -11.20
C PHE B 338 -14.20 6.83 -10.92
N LYS B 339 -15.43 6.50 -11.34
CA LYS B 339 -16.52 7.42 -11.08
C LYS B 339 -16.66 7.60 -9.58
N HIS B 340 -16.46 6.50 -8.84
CA HIS B 340 -16.57 6.52 -7.39
C HIS B 340 -15.48 7.38 -6.78
N ILE B 341 -14.25 7.25 -7.27
CA ILE B 341 -13.18 8.12 -6.81
C ILE B 341 -13.56 9.58 -7.05
N PHE B 342 -14.03 9.90 -8.26
CA PHE B 342 -14.36 11.30 -8.51
C PHE B 342 -15.47 11.73 -7.58
N THR B 343 -16.48 10.87 -7.41
CA THR B 343 -17.62 11.26 -6.58
C THR B 343 -17.15 11.54 -5.17
N GLU B 344 -16.25 10.71 -4.66
CA GLU B 344 -15.85 10.83 -3.27
C GLU B 344 -14.91 12.00 -3.08
N LEU B 345 -14.08 12.29 -4.09
CA LEU B 345 -13.20 13.44 -3.97
C LEU B 345 -14.00 14.74 -3.99
N SER B 346 -14.97 14.81 -4.86
CA SER B 346 -15.74 16.00 -5.08
C SER B 346 -16.83 16.30 -4.09
N LYS B 347 -16.99 15.50 -3.05
CA LYS B 347 -18.07 15.77 -2.15
C LYS B 347 -17.74 16.80 -1.12
N GLY B 348 -18.73 17.17 -0.35
CA GLY B 348 -18.54 18.20 0.65
C GLY B 348 -17.86 17.71 1.90
N GLY B 349 -17.42 18.65 2.71
CA GLY B 349 -16.78 18.34 3.95
C GLY B 349 -15.31 18.60 3.87
N LYS B 350 -14.55 17.65 4.36
CA LYS B 350 -13.13 17.72 4.37
C LYS B 350 -12.54 17.87 2.98
N ASN B 351 -12.97 17.07 2.04
CA ASN B 351 -12.40 17.12 0.72
C ASN B 351 -12.56 18.43 -0.01
N GLU B 352 -13.73 19.03 0.08
CA GLU B 352 -13.94 20.29 -0.58
C GLU B 352 -13.08 21.39 0.02
N MET B 353 -12.84 21.35 1.33
CA MET B 353 -11.89 22.28 1.93
C MET B 353 -10.48 22.07 1.39
N LEU B 354 -10.03 20.81 1.32
CA LEU B 354 -8.72 20.50 0.76
C LEU B 354 -8.57 21.01 -0.68
N ILE B 355 -9.56 20.70 -1.52
CA ILE B 355 -9.52 21.12 -2.92
C ILE B 355 -9.55 22.64 -3.03
N LYS B 356 -10.38 23.30 -2.21
CA LYS B 356 -10.45 24.75 -2.25
C LYS B 356 -9.11 25.37 -1.84
N THR B 357 -8.44 24.78 -0.85
CA THR B 357 -7.14 25.29 -0.45
C THR B 357 -6.11 25.11 -1.57
N VAL B 358 -6.17 24.00 -2.30
CA VAL B 358 -5.28 23.84 -3.45
C VAL B 358 -5.58 24.89 -4.52
N LYS B 359 -6.87 25.11 -4.82
CA LYS B 359 -7.26 26.05 -5.87
C LYS B 359 -6.91 27.49 -5.51
N GLY B 360 -6.82 27.83 -4.24
CA GLY B 360 -6.45 29.20 -3.88
C GLY B 360 -5.10 29.61 -4.44
N GLN B 361 -4.14 28.69 -4.51
CA GLN B 361 -2.85 28.99 -5.11
C GLN B 361 -2.73 28.57 -6.56
N TYR B 362 -3.32 27.42 -6.93
CA TYR B 362 -3.26 26.88 -8.29
C TYR B 362 -4.68 26.74 -8.84
N PRO B 363 -5.25 27.81 -9.36
CA PRO B 363 -6.65 27.73 -9.81
C PRO B 363 -6.81 26.85 -11.03
N CYS B 364 -7.97 26.20 -11.09
CA CYS B 364 -8.32 25.33 -12.20
C CYS B 364 -9.80 24.96 -12.06
N GLU B 365 -10.48 24.92 -13.20
CA GLU B 365 -11.85 24.45 -13.30
C GLU B 365 -12.04 23.11 -12.59
N ASP B 366 -13.18 22.96 -11.92
CA ASP B 366 -13.54 21.67 -11.29
C ASP B 366 -13.46 20.54 -12.29
N PHE B 367 -12.97 19.39 -11.84
CA PHE B 367 -12.97 18.19 -12.67
C PHE B 367 -14.40 17.75 -12.90
N GLN B 368 -14.73 17.44 -14.15
CA GLN B 368 -16.08 17.09 -14.58
C GLN B 368 -16.10 15.71 -15.22
N TRP B 369 -17.18 14.97 -14.94
CA TRP B 369 -17.43 13.66 -15.51
C TRP B 369 -18.93 13.45 -15.58
N LEU B 370 -19.35 12.67 -16.57
CA LEU B 370 -20.76 12.44 -16.84
C LEU B 370 -21.28 11.25 -16.04
N GLU B 371 -22.60 11.19 -15.92
CA GLU B 371 -23.27 10.07 -15.29
C GLU B 371 -22.99 8.77 -16.04
N GLU B 372 -22.84 8.85 -17.36
CA GLU B 372 -22.47 7.70 -18.19
C GLU B 372 -21.20 8.06 -18.96
N THR B 373 -20.14 7.31 -18.73
CA THR B 373 -18.84 7.65 -19.30
C THR B 373 -18.84 7.43 -20.81
N PRO B 374 -18.40 8.39 -21.62
CA PRO B 374 -18.27 8.12 -23.06
C PRO B 374 -17.17 7.10 -23.34
N ILE B 375 -17.46 6.20 -24.28
CA ILE B 375 -16.53 5.16 -24.73
C ILE B 375 -16.37 5.30 -26.24
N PHE B 376 -15.13 5.47 -26.70
CA PHE B 376 -14.82 5.54 -28.12
C PHE B 376 -13.92 4.37 -28.50
N THR B 377 -14.11 3.84 -29.71
CA THR B 377 -13.06 2.96 -30.20
C THR B 377 -11.86 3.81 -30.63
N TYR B 378 -10.70 3.17 -30.68
CA TYR B 378 -9.50 3.86 -31.15
C TYR B 378 -9.72 4.41 -32.54
N GLU B 379 -10.39 3.62 -33.40
CA GLU B 379 -10.64 4.07 -34.76
C GLU B 379 -11.52 5.32 -34.78
N GLU B 380 -12.56 5.34 -33.93
CA GLU B 380 -13.40 6.53 -33.81
C GLU B 380 -12.60 7.73 -33.33
N ALA B 381 -11.75 7.53 -32.32
CA ALA B 381 -10.97 8.64 -31.78
C ALA B 381 -10.07 9.23 -32.86
N ILE B 382 -9.39 8.37 -33.63
CA ILE B 382 -8.54 8.84 -34.71
C ILE B 382 -9.37 9.58 -35.75
N LYS B 383 -10.54 9.04 -36.10
CA LYS B 383 -11.35 9.70 -37.12
C LYS B 383 -11.89 11.03 -36.61
N MET B 384 -12.11 11.16 -35.30
CA MET B 384 -12.42 12.47 -34.72
C MET B 384 -11.28 13.44 -34.94
N LEU B 385 -10.05 13.00 -34.65
CA LEU B 385 -8.90 13.88 -34.86
C LEU B 385 -8.74 14.27 -36.32
N ILE B 386 -9.04 13.34 -37.23
CA ILE B 386 -8.98 13.65 -38.65
C ILE B 386 -10.05 14.67 -39.00
N GLN B 387 -11.27 14.48 -38.50
CA GLN B 387 -12.38 15.37 -38.84
C GLN B 387 -12.11 16.78 -38.38
N HIS B 388 -11.39 16.96 -37.28
CA HIS B 388 -11.06 18.28 -36.78
C HIS B 388 -9.76 18.83 -37.35
N GLY B 389 -9.21 18.19 -38.38
CA GLY B 389 -8.00 18.68 -39.03
C GLY B 389 -6.72 18.50 -38.26
N LYS B 390 -6.72 17.69 -37.20
CA LYS B 390 -5.52 17.50 -36.40
C LYS B 390 -4.61 16.41 -36.96
N LEU B 391 -5.13 15.60 -37.88
CA LEU B 391 -4.43 14.42 -38.37
C LEU B 391 -4.85 14.21 -39.81
N HIS B 392 -3.90 13.77 -40.64
CA HIS B 392 -4.18 13.41 -42.03
C HIS B 392 -3.72 11.98 -42.22
N LEU B 393 -4.68 11.07 -42.39
CA LEU B 393 -4.41 9.65 -42.47
C LEU B 393 -5.42 9.04 -43.43
N LYS B 394 -4.93 8.21 -44.34
CA LYS B 394 -5.81 7.40 -45.17
C LYS B 394 -6.31 6.20 -44.35
N GLU B 395 -7.41 5.63 -44.83
CA GLU B 395 -8.07 4.54 -44.10
C GLU B 395 -7.09 3.46 -43.71
N GLU B 396 -6.22 3.06 -44.65
CA GLU B 396 -5.30 1.96 -44.44
C GLU B 396 -4.11 2.33 -43.57
N GLU B 397 -4.07 3.57 -43.06
CA GLU B 397 -3.00 4.03 -42.18
C GLU B 397 -3.45 4.23 -40.74
N ILE B 398 -4.76 4.14 -40.45
CA ILE B 398 -5.27 4.54 -39.14
C ILE B 398 -4.80 3.57 -38.06
N LEU B 399 -4.97 2.27 -38.27
CA LEU B 399 -4.52 1.29 -37.27
C LEU B 399 -3.01 1.28 -37.09
N ALA B 400 -2.26 1.79 -38.05
CA ALA B 400 -0.82 1.85 -37.89
C ALA B 400 -0.39 3.08 -37.10
N TYR B 401 -1.29 4.04 -36.90
CA TYR B 401 -0.92 5.30 -36.26
C TYR B 401 -0.94 5.12 -34.74
N ASP B 402 0.16 5.49 -34.10
CA ASP B 402 0.32 5.42 -32.64
C ASP B 402 0.11 6.82 -32.06
N MET B 403 -0.99 7.02 -31.36
CA MET B 403 -1.35 8.35 -30.89
C MET B 403 -0.31 8.88 -29.90
N SER B 404 0.23 10.07 -30.18
CA SER B 404 1.16 10.72 -29.29
C SER B 404 0.45 11.44 -28.14
N THR B 405 1.24 11.82 -27.13
CA THR B 405 0.70 12.52 -25.96
C THR B 405 0.07 13.86 -26.35
N ASP B 406 0.70 14.59 -27.27
CA ASP B 406 0.09 15.81 -27.79
C ASP B 406 -1.23 15.53 -28.46
N MET B 407 -1.28 14.48 -29.29
CA MET B 407 -2.53 14.14 -29.94
C MET B 407 -3.59 13.71 -28.93
N GLU B 408 -3.18 13.01 -27.86
CA GLU B 408 -4.12 12.72 -26.77
C GLU B 408 -4.73 13.99 -26.21
N LYS B 409 -3.91 15.04 -26.00
CA LYS B 409 -4.46 16.28 -25.44
C LYS B 409 -5.40 16.98 -26.42
N GLU B 410 -5.07 16.97 -27.72
CA GLU B 410 -5.99 17.52 -28.70
C GLU B 410 -7.32 16.77 -28.72
N LEU B 411 -7.26 15.44 -28.61
CA LEU B 411 -8.50 14.69 -28.54
C LEU B 411 -9.28 15.05 -27.29
N GLY B 412 -8.56 15.27 -26.17
CA GLY B 412 -9.22 15.69 -24.95
C GLY B 412 -9.97 17.00 -25.11
N LYS B 413 -9.38 17.95 -25.86
CA LYS B 413 -10.08 19.22 -26.08
C LYS B 413 -11.32 19.03 -26.94
N ILE B 414 -11.21 18.20 -27.98
CA ILE B 414 -12.39 17.91 -28.81
C ILE B 414 -13.50 17.29 -27.96
N VAL B 415 -13.15 16.34 -27.10
CA VAL B 415 -14.17 15.63 -26.34
C VAL B 415 -14.76 16.53 -25.26
N LYS B 416 -13.93 17.38 -24.65
CA LYS B 416 -14.45 18.37 -23.71
C LYS B 416 -15.48 19.27 -24.38
N ALA B 417 -15.21 19.70 -25.63
CA ALA B 417 -16.15 20.62 -26.28
C ALA B 417 -17.43 19.90 -26.73
N SER B 418 -17.32 18.65 -27.16
CA SER B 418 -18.49 17.95 -27.68
C SER B 418 -19.28 17.19 -26.62
N HIS B 419 -18.63 16.66 -25.60
CA HIS B 419 -19.25 15.80 -24.59
C HIS B 419 -19.28 16.43 -23.20
N HIS B 420 -18.58 17.54 -23.00
CA HIS B 420 -18.65 18.33 -21.76
C HIS B 420 -18.15 17.53 -20.56
N THR B 421 -17.03 16.83 -20.73
CA THR B 421 -16.49 15.99 -19.67
C THR B 421 -14.97 16.00 -19.75
N ASP B 422 -14.33 15.78 -18.60
CA ASP B 422 -12.89 15.61 -18.49
C ASP B 422 -12.45 14.16 -18.43
N TYR B 423 -13.39 13.22 -18.58
CA TYR B 423 -13.08 11.82 -18.33
C TYR B 423 -13.72 10.96 -19.42
N TYR B 424 -12.91 10.12 -20.07
CA TYR B 424 -13.51 9.23 -21.07
C TYR B 424 -12.59 8.04 -21.31
N ILE B 425 -13.09 7.09 -22.11
CA ILE B 425 -12.48 5.78 -22.30
C ILE B 425 -12.27 5.54 -23.79
N ILE B 426 -11.12 4.97 -24.15
CA ILE B 426 -10.89 4.47 -25.51
C ILE B 426 -10.66 2.95 -25.42
N ILE B 427 -11.34 2.20 -26.31
CA ILE B 427 -11.17 0.76 -26.40
C ILE B 427 -10.68 0.39 -27.80
N ASN B 428 -10.29 -0.88 -27.96
CA ASN B 428 -10.05 -1.48 -29.27
C ASN B 428 -8.80 -0.88 -29.92
N PHE B 429 -7.75 -0.75 -29.12
CA PHE B 429 -6.47 -0.30 -29.65
C PHE B 429 -5.92 -1.36 -30.62
N PRO B 430 -5.08 -0.95 -31.57
CA PRO B 430 -4.49 -1.92 -32.48
C PRO B 430 -3.53 -2.84 -31.75
N SER B 431 -3.58 -4.13 -32.12
CA SER B 431 -2.85 -5.16 -31.41
C SER B 431 -1.36 -4.90 -31.42
N ALA B 432 -0.83 -4.46 -32.56
CA ALA B 432 0.61 -4.23 -32.68
C ALA B 432 1.12 -3.11 -31.79
N LEU B 433 0.23 -2.27 -31.25
CA LEU B 433 0.63 -1.13 -30.44
C LEU B 433 0.46 -1.39 -28.95
N ARG B 434 0.16 -2.62 -28.55
CA ARG B 434 -0.12 -2.96 -27.17
C ARG B 434 0.82 -4.08 -26.73
N PRO B 435 0.98 -4.29 -25.42
CA PRO B 435 1.97 -5.29 -24.96
C PRO B 435 1.61 -6.71 -25.40
N PHE B 436 2.60 -7.61 -25.25
CA PHE B 436 2.47 -8.97 -25.75
C PHE B 436 1.38 -9.78 -25.04
N TYR B 437 1.01 -9.42 -23.82
CA TYR B 437 0.04 -10.20 -23.07
C TYR B 437 -1.40 -9.79 -23.38
N THR B 438 -1.59 -8.82 -24.29
CA THR B 438 -2.91 -8.33 -24.67
C THR B 438 -3.60 -9.31 -25.60
N MET B 439 -4.82 -9.69 -25.27
CA MET B 439 -5.57 -10.59 -26.16
C MET B 439 -6.12 -9.80 -27.34
N TYR B 440 -5.83 -10.28 -28.55
CA TYR B 440 -6.36 -9.69 -29.77
C TYR B 440 -7.77 -10.22 -30.03
N LYS B 441 -8.52 -9.50 -30.87
CA LYS B 441 -9.82 -10.00 -31.31
C LYS B 441 -9.61 -11.10 -32.33
N GLU B 442 -10.12 -12.30 -32.08
CA GLU B 442 -9.86 -13.40 -32.99
C GLU B 442 -10.34 -13.20 -34.40
N ASP B 443 -11.50 -12.62 -34.54
CA ASP B 443 -12.08 -12.27 -35.82
C ASP B 443 -11.36 -11.12 -36.56
N GLU B 444 -10.86 -10.13 -35.83
CA GLU B 444 -10.17 -8.98 -36.40
C GLU B 444 -8.89 -8.73 -35.63
N PRO B 445 -7.87 -9.53 -35.88
CA PRO B 445 -6.62 -9.57 -35.13
C PRO B 445 -5.82 -8.30 -35.04
N ALA B 446 -5.96 -7.39 -35.97
CA ALA B 446 -5.24 -6.16 -35.87
C ALA B 446 -5.75 -5.31 -34.72
N ILE B 447 -6.91 -5.68 -34.18
CA ILE B 447 -7.59 -4.95 -33.12
C ILE B 447 -7.53 -5.80 -31.86
N SER B 448 -7.42 -5.17 -30.69
CA SER B 448 -7.30 -5.92 -29.44
C SER B 448 -8.35 -5.49 -28.42
N ASN B 449 -8.53 -6.33 -27.40
CA ASN B 449 -9.47 -6.05 -26.32
C ASN B 449 -8.75 -5.31 -25.20
N SER B 450 -8.56 -4.02 -25.44
CA SER B 450 -7.67 -3.17 -24.65
C SER B 450 -8.36 -1.83 -24.45
N TYR B 451 -7.89 -1.07 -23.45
CA TYR B 451 -8.57 0.17 -23.05
C TYR B 451 -7.60 1.09 -22.32
N ASP B 452 -7.72 2.38 -22.61
CA ASP B 452 -7.11 3.47 -21.83
C ASP B 452 -8.22 4.38 -21.29
N PHE B 453 -8.07 4.85 -20.05
CA PHE B 453 -8.94 5.89 -19.51
C PHE B 453 -8.17 7.20 -19.51
N PHE B 454 -8.89 8.33 -19.63
CA PHE B 454 -8.31 9.65 -19.77
C PHE B 454 -8.97 10.64 -18.82
N MET B 455 -8.12 11.51 -18.24
CA MET B 455 -8.48 12.65 -17.40
C MET B 455 -7.83 13.90 -17.98
N ARG B 456 -8.65 14.91 -18.26
CA ARG B 456 -8.18 16.14 -18.89
C ARG B 456 -7.32 15.82 -20.11
N GLY B 457 -7.77 14.85 -20.89
CA GLY B 457 -7.11 14.48 -22.13
C GLY B 457 -5.84 13.66 -22.00
N GLU B 458 -5.45 13.23 -20.80
CA GLU B 458 -4.20 12.51 -20.61
C GLU B 458 -4.49 11.14 -20.02
N GLU B 459 -3.72 10.15 -20.46
CA GLU B 459 -3.95 8.76 -20.05
C GLU B 459 -3.60 8.54 -18.58
N ILE B 460 -4.49 7.93 -17.83
CA ILE B 460 -4.27 7.65 -16.42
C ILE B 460 -4.32 6.17 -16.06
N LEU B 461 -5.03 5.42 -16.86
CA LEU B 461 -5.25 3.99 -16.70
C LEU B 461 -4.99 3.29 -18.03
N SER B 462 -4.27 2.19 -17.99
CA SER B 462 -4.04 1.38 -19.17
C SER B 462 -4.24 -0.08 -18.80
N GLY B 463 -4.89 -0.84 -19.67
CA GLY B 463 -5.05 -2.25 -19.36
C GLY B 463 -5.66 -3.03 -20.51
N SER B 464 -5.98 -4.29 -20.23
CA SER B 464 -6.54 -5.15 -21.29
C SER B 464 -7.06 -6.47 -20.72
N GLN B 465 -7.91 -7.11 -21.54
CA GLN B 465 -8.09 -8.56 -21.48
C GLN B 465 -6.74 -9.23 -21.74
N ARG B 466 -6.40 -10.22 -20.92
CA ARG B 466 -5.12 -10.91 -21.04
C ARG B 466 -5.32 -12.18 -21.84
N ILE B 467 -4.27 -12.55 -22.58
CA ILE B 467 -4.18 -13.88 -23.18
C ILE B 467 -4.15 -14.90 -22.05
N SER B 468 -5.16 -15.76 -22.00
CA SER B 468 -5.26 -16.75 -20.93
C SER B 468 -5.17 -18.18 -21.46
N ASP B 469 -4.50 -18.34 -22.60
CA ASP B 469 -4.23 -19.64 -23.19
C ASP B 469 -2.72 -19.74 -23.42
N VAL B 470 -2.10 -20.78 -22.84
CA VAL B 470 -0.64 -20.80 -22.79
C VAL B 470 -0.04 -20.88 -24.20
N ASN B 471 -0.74 -21.56 -25.12
CA ASN B 471 -0.24 -21.68 -26.48
C ASN B 471 -0.37 -20.37 -27.25
N LEU B 472 -1.52 -19.70 -27.15
CA LEU B 472 -1.64 -18.37 -27.75
C LEU B 472 -0.63 -17.41 -27.14
N LEU B 473 -0.38 -17.53 -25.84
CA LEU B 473 0.59 -16.67 -25.17
C LEU B 473 1.98 -16.86 -25.77
N LEU B 474 2.40 -18.12 -25.94
CA LEU B 474 3.71 -18.38 -26.55
C LEU B 474 3.77 -17.85 -27.97
N GLU B 475 2.71 -18.06 -28.75
CA GLU B 475 2.67 -17.52 -30.11
C GLU B 475 2.86 -16.01 -30.12
N ASN B 476 2.20 -15.31 -29.19
CA ASN B 476 2.28 -13.85 -29.21
C ASN B 476 3.64 -13.39 -28.72
N ILE B 477 4.22 -14.10 -27.75
CA ILE B 477 5.58 -13.82 -27.30
C ILE B 477 6.57 -13.93 -28.45
N LYS B 478 6.41 -14.96 -29.30
CA LYS B 478 7.25 -15.08 -30.49
C LYS B 478 6.94 -13.97 -31.50
N ARG B 479 5.66 -13.62 -31.63
CA ARG B 479 5.24 -12.58 -32.56
C ARG B 479 5.87 -11.24 -32.22
N PHE B 480 6.10 -10.98 -30.94
CA PHE B 480 6.75 -9.76 -30.48
C PHE B 480 8.26 -9.91 -30.32
N ASN B 481 8.83 -11.04 -30.76
CA ASN B 481 10.27 -11.29 -30.73
C ASN B 481 10.82 -11.23 -29.31
N LEU B 482 10.04 -11.68 -28.34
CA LEU B 482 10.51 -11.71 -26.97
C LEU B 482 11.18 -13.05 -26.66
N ASP B 483 11.99 -13.06 -25.60
CA ASP B 483 12.74 -14.24 -25.18
C ASP B 483 11.89 -15.03 -24.18
N ALA B 484 11.23 -16.09 -24.67
CA ALA B 484 10.37 -16.90 -23.81
C ALA B 484 11.10 -17.46 -22.60
N ASN B 485 12.42 -17.70 -22.72
CA ASN B 485 13.14 -18.25 -21.57
C ASN B 485 13.21 -17.25 -20.43
N LYS B 486 13.19 -15.96 -20.74
CA LYS B 486 13.13 -14.92 -19.71
C LYS B 486 11.74 -14.77 -19.10
N LEU B 487 10.74 -15.48 -19.60
CA LEU B 487 9.38 -15.38 -19.07
C LEU B 487 8.84 -16.72 -18.60
N ASN B 488 9.71 -17.73 -18.43
CA ASN B 488 9.24 -19.10 -18.33
C ASN B 488 8.37 -19.30 -17.08
N PHE B 489 8.79 -18.73 -15.95
CA PHE B 489 7.95 -18.84 -14.74
C PHE B 489 6.57 -18.24 -14.99
N TYR B 490 6.54 -17.03 -15.55
CA TYR B 490 5.27 -16.43 -15.90
C TYR B 490 4.49 -17.32 -16.86
N ILE B 491 5.16 -17.79 -17.93
CA ILE B 491 4.49 -18.63 -18.91
C ILE B 491 3.96 -19.88 -18.25
N ASP B 492 4.77 -20.46 -17.35
CA ASP B 492 4.40 -21.72 -16.76
C ASP B 492 3.19 -21.56 -15.84
N SER B 493 2.95 -20.33 -15.37
CA SER B 493 1.76 -20.11 -14.54
C SER B 493 0.47 -20.26 -15.32
N PHE B 494 0.53 -20.32 -16.66
CA PHE B 494 -0.67 -20.55 -17.48
C PHE B 494 -0.83 -22.02 -17.87
N ALA B 495 0.13 -22.89 -17.55
CA ALA B 495 0.14 -24.24 -18.09
C ALA B 495 -0.78 -25.20 -17.33
N TYR B 496 -1.39 -24.78 -16.23
CA TYR B 496 -2.30 -25.63 -15.46
C TYR B 496 -3.64 -24.96 -15.35
N SER B 497 -4.12 -24.47 -16.51
CA SER B 497 -5.37 -23.73 -16.71
C SER B 497 -5.21 -22.27 -16.33
N SER B 498 -6.07 -21.43 -16.89
CA SER B 498 -6.04 -19.99 -16.68
C SER B 498 -7.46 -19.45 -16.81
N TYR B 499 -7.96 -18.77 -15.77
CA TYR B 499 -9.24 -18.12 -15.84
C TYR B 499 -9.18 -16.97 -16.85
N PRO B 500 -10.28 -16.67 -17.51
CA PRO B 500 -10.35 -15.43 -18.27
C PRO B 500 -10.21 -14.25 -17.31
N HIS B 501 -9.29 -13.34 -17.65
CA HIS B 501 -9.02 -12.25 -16.73
C HIS B 501 -8.58 -11.03 -17.51
N SER B 502 -8.61 -9.91 -16.83
CA SER B 502 -8.14 -8.64 -17.34
C SER B 502 -7.48 -7.90 -16.21
N GLY B 503 -6.86 -6.77 -16.55
CA GLY B 503 -6.33 -5.92 -15.48
C GLY B 503 -5.98 -4.53 -15.99
N CYS B 504 -5.41 -3.73 -15.07
CA CYS B 504 -5.05 -2.36 -15.39
C CYS B 504 -4.03 -1.81 -14.41
N GLY B 505 -3.30 -0.82 -14.90
CA GLY B 505 -2.32 -0.11 -14.10
C GLY B 505 -2.59 1.37 -14.17
N ILE B 506 -2.40 2.04 -13.02
CA ILE B 506 -2.83 3.42 -12.81
C ILE B 506 -1.74 4.17 -12.08
N GLY B 507 -1.37 5.33 -12.60
CA GLY B 507 -0.40 6.08 -11.79
C GLY B 507 -1.03 6.97 -10.72
N LEU B 508 -0.66 6.81 -9.44
CA LEU B 508 -1.32 7.56 -8.37
C LEU B 508 -1.07 9.06 -8.47
N GLU B 509 0.21 9.44 -8.54
CA GLU B 509 0.55 10.85 -8.58
C GLU B 509 -0.07 11.53 -9.79
N ARG B 510 -0.21 10.82 -10.90
CA ARG B 510 -0.75 11.41 -12.12
C ARG B 510 -2.26 11.59 -12.05
N VAL B 511 -2.97 10.66 -11.42
CA VAL B 511 -4.40 10.87 -11.18
C VAL B 511 -4.61 12.13 -10.37
N LEU B 512 -3.84 12.29 -9.29
CA LEU B 512 -4.02 13.48 -8.47
C LEU B 512 -3.71 14.75 -9.24
N MET B 513 -2.61 14.72 -10.01
CA MET B 513 -2.22 15.88 -10.80
C MET B 513 -3.31 16.28 -11.80
N LEU B 514 -3.86 15.31 -12.53
CA LEU B 514 -4.88 15.63 -13.51
C LEU B 514 -6.21 16.01 -12.86
N PHE B 515 -6.57 15.40 -11.73
CA PHE B 515 -7.79 15.80 -11.03
C PHE B 515 -7.73 17.27 -10.67
N LEU B 516 -6.62 17.71 -10.07
CA LEU B 516 -6.49 19.11 -9.68
C LEU B 516 -6.04 20.02 -10.82
N GLY B 517 -5.66 19.46 -11.96
CA GLY B 517 -5.16 20.30 -13.05
C GLY B 517 -3.80 20.92 -12.79
N LEU B 518 -2.98 20.31 -11.93
CA LEU B 518 -1.67 20.88 -11.65
C LEU B 518 -0.73 20.72 -12.85
N ASN B 519 0.27 21.60 -12.92
CA ASN B 519 1.09 21.73 -14.10
C ASN B 519 2.29 20.78 -14.15
N ASN B 520 2.56 20.03 -13.08
CA ASN B 520 3.80 19.27 -13.01
C ASN B 520 3.64 18.12 -12.02
N ILE B 521 4.05 16.92 -12.43
CA ILE B 521 3.94 15.73 -11.60
C ILE B 521 4.74 15.85 -10.32
N ARG B 522 5.76 16.71 -10.30
CA ARG B 522 6.51 16.92 -9.06
C ARG B 522 5.69 17.58 -7.98
N LYS B 523 4.52 18.11 -8.30
CA LYS B 523 3.68 18.68 -7.25
C LYS B 523 2.90 17.61 -6.48
N THR B 524 2.78 16.39 -7.02
CA THR B 524 1.97 15.33 -6.42
C THR B 524 2.79 14.11 -6.00
N SER B 525 4.12 14.21 -5.97
CA SER B 525 5.02 13.20 -5.42
C SER B 525 5.79 13.85 -4.27
N LEU B 526 5.83 13.20 -3.11
CA LEU B 526 6.38 13.85 -1.91
C LEU B 526 7.84 14.23 -2.09
N PHE B 527 8.67 13.28 -2.51
CA PHE B 527 10.11 13.53 -2.74
C PHE B 527 10.43 13.05 -4.14
N PRO B 528 10.21 13.90 -5.15
CA PRO B 528 10.19 13.41 -6.53
C PRO B 528 11.54 12.84 -6.95
N ARG B 529 11.47 11.82 -7.82
CA ARG B 529 12.63 11.19 -8.43
C ARG B 529 12.55 11.38 -9.93
N ASP B 530 13.52 12.08 -10.51
CA ASP B 530 13.59 12.18 -11.98
C ASP B 530 15.06 12.07 -12.39
N PRO B 531 15.39 12.01 -13.68
CA PRO B 531 16.80 11.75 -14.06
C PRO B 531 17.80 12.74 -13.48
N LYS B 532 17.37 13.90 -13.01
CA LYS B 532 18.28 14.90 -12.47
C LYS B 532 18.09 15.13 -10.98
N ARG B 533 17.30 14.29 -10.31
CA ARG B 533 17.03 14.52 -8.89
C ARG B 533 16.97 13.18 -8.17
N LEU B 534 17.94 12.96 -7.29
CA LEU B 534 18.00 11.81 -6.41
C LEU B 534 17.91 12.22 -4.95
N ILE B 535 17.94 13.51 -4.65
CA ILE B 535 18.01 14.07 -3.30
C ILE B 535 16.94 15.16 -3.20
N PRO B 536 16.23 15.31 -2.08
CA PRO B 536 16.18 14.42 -0.92
C PRO B 536 15.67 13.06 -1.30
S SO4 C . 15.30 -21.35 -1.11
O1 SO4 C . 15.20 -21.95 0.26
O2 SO4 C . 14.87 -22.40 -2.10
O3 SO4 C . 14.42 -20.13 -1.17
O4 SO4 C . 16.73 -20.98 -1.38
C1 EDO D . -11.87 -27.53 3.12
O1 EDO D . -10.83 -26.58 2.93
C2 EDO D . -12.28 -28.10 1.79
O2 EDO D . -13.13 -27.23 1.06
S SO4 E . 21.85 -13.03 16.83
O1 SO4 E . 23.31 -13.11 16.52
O2 SO4 E . 21.07 -13.04 15.54
O3 SO4 E . 21.45 -14.22 17.65
O4 SO4 E . 21.57 -11.79 17.61
S SO4 F . 13.12 10.99 30.22
O1 SO4 F . 12.97 9.99 31.34
O2 SO4 F . 12.63 10.39 28.95
O3 SO4 F . 12.33 12.23 30.52
O4 SO4 F . 14.57 11.38 30.11
S SO4 G . 14.47 19.15 -11.21
O1 SO4 G . 13.77 18.12 -10.41
O2 SO4 G . 15.92 19.07 -11.06
O3 SO4 G . 14.16 18.96 -12.64
O4 SO4 G . 14.04 20.49 -10.77
C1 EDO H . -6.19 29.29 4.90
O1 EDO H . -5.70 28.02 4.52
C2 EDO H . -5.60 29.68 6.24
O2 EDO H . -6.17 28.92 7.29
#